data_8QJ2
#
_entry.id   8QJ2
#
_cell.length_a   1.00
_cell.length_b   1.00
_cell.length_c   1.00
_cell.angle_alpha   90.00
_cell.angle_beta   90.00
_cell.angle_gamma   90.00
#
_symmetry.space_group_name_H-M   'P 1'
#
loop_
_entity.id
_entity.type
_entity.pdbx_description
1 polymer 'Guanine nucleotide-binding protein G(s) subunit alpha isoforms short'
2 polymer 'Guanine nucleotide-binding protein G(I)/G(S)/G(T) subunit beta-1'
3 polymer 'Guanine nucleotide-binding protein G(I)/G(S)/G(O) subunit gamma-2'
4 polymer Nanobody-35
5 polymer 'Soluble cytochrome b562,Melanocortin receptor 4,Red fluorescent protein drFP583'
6 polymer pN162
#
loop_
_entity_poly.entity_id
_entity_poly.type
_entity_poly.pdbx_seq_one_letter_code
_entity_poly.pdbx_strand_id
1 'polypeptide(L)'
;MGCLGNSKTEDQRNEEKAQREANKKIEKQLQKDKQVYRATHRLLLLGAGESGKNTIVKQMRILHVNGFNGEGGEEDPQAA
RSNSDGEKATKVQDIKNNLKEAIETIVAAMSNLVPPVELANPENQFRVDYILSVMNVPDFDFPPEFYEHAKALWEDEGVR
ACYERSNEYQLIDCAQYFLDKIDVIKQADYVPSDQDLLRCRVLTSGIFETKFQVDKVNFHMFDVGAQRDERRKWIQCFND
VTAIIFVVASSSYNMVIREDNQTNRLQAALKLFDSIWNNKWLRDTSVILFLNKQDLLAEKVLAGKSKIEDYFPEFARYTT
PEDATPEPGEDPRVTRAKYFIRDEFLRISTASGDGRHYCYPHFTCSVDTENIRRVFNDCRDIIQRMHLRQYELL
;
B
2 'polypeptide(L)'
;MHHHHHHGSSGSELDQLRQEAEQLKNQIRDARKACADATLSQITNNIDPVGRIQMRTRRTLRGHLAKIYAMHWGTDSRLL
VSASQDGKLIIWDSYTTNKVHAIPLRSSWVMTCAYAPSGNYVACGGLDNICSIYNLKTREGNVRVSRELAGHTGYLSCCR
FLDDNQIVTSSGDTTCALWDIETGQQTTTFTGHTGDVMSLSLAPDTRLFVSGACDASAKLWDVREGMCRQTFTGHESDIN
AICFFPNGNAFATGSDDATCRLFDLRADQELMTYSHDNIICGITSVSFSKSGRLLLAGYDDFNCNVWDALKADRAGVLAG
HDNRVSCLGVTDDGMAVATGSWDSFLKIWN
;
C
3 'polypeptide(L)' MASNNTASIAQARKLVEQLKMEANIDRIKVSKAAADLMAYCEAHAKEDPLLTPVPASENPFREKKFFCAIL G
4 'polypeptide(L)'
;QVQLQESGGGLVQPGGSLRLSCAASGFTFSNYKMNWVRQAPGKGLEWVSDISQSGASISYTGSVKGRFTISRDNAKNTLY
LQMNSLKPEDTAVYYCARCPAPFTRDCFDVTSTTYAYRGQGTQVTVSSHHHHHHEPEA
;
N
5 'polypeptide(L)'
;FADYKDDDDKAADLEDNWETLNDNLKVIEKADNAAQVKDALTKMRAAALDAQKATPPKLEDKSPDSPEMKDFRHGFDILV
GQIDDALKLANEGKVKEAQAAAEQLKTTRNAYIQKYLLEVLFQGPMVNSTHRGMHTSLHLWNRSSYRLHSNASESLGKGY
SDGGCYEQLFVSPEVFVTLGVISLLENILVIVAIAKNKNLHSPMYFFICSLAVADMLVSVSNGSETIVITLLNSTDTDAQ
SFTVNIDNVIDSVICSSLLASICSLLSIAVDRYFTIFYALQYHNIMTVKRVGIIISCIWAACTVSGILFIIYSDSSAVII
CLITMFFTMLALMASLYVHMFLMARLHIKRIAVLPGTGAIRQGANMKGAITLTILIGVFVVCWAPFFLHLIFYISCPQNP
YCVCFMSHFNLYLILIMCNSIIDPLIYALRSQELRKTFKEIICCYPLGGLCDLSSRYLEVLFQGPVSKGEEDNMAIIKEF
MRFKVHMEGSVNGHEFEIEGEGEGRPYEGTQTAKLKVTKGGPLPFAWDILSPQFMYGSKAYVKHPADIPDYLKLSFPEGF
KWERVMNFEDGGVVTVTQDSSLQDGEFIYKVKLRGTNFPSDGPVMQKKTMGWEASSERMYPEDGALKGEIKQRLKLKDGG
HYDAEVKTTYKAKKPVQLPGAYNVNIKLDITSHNEDYTIVEQYERAEGRHSTGGMDELYKHHHHHHHHHHGLNDIFEAQK
IEWHEEPEA
;
A
6 'polypeptide(L)'
;QVQLVESGGGLVQPGGSLRLSCAASGSAFSLNVMGWYRQTPGNQRALVAEITKDGSTNYADSAKGRFTISRDNAKNTVHL
QMDSLKPEDTAVYYCKARTGRIVRPLDYWGQGTQVTV
;
D
#
# COMPACT_ATOMS: atom_id res chain seq x y z
N ARG A 13 -1.77 39.58 3.62
CA ARG A 13 -1.43 40.69 4.49
C ARG A 13 -1.12 40.18 5.89
N ASN A 14 -1.61 40.90 6.91
CA ASN A 14 -1.37 40.47 8.29
C ASN A 14 -2.20 39.24 8.63
N GLU A 15 -3.36 39.06 7.99
CA GLU A 15 -4.20 37.90 8.29
C GLU A 15 -3.56 36.61 7.77
N GLU A 16 -2.67 36.71 6.79
CA GLU A 16 -2.02 35.51 6.27
C GLU A 16 -0.93 34.99 7.20
N LYS A 17 -0.28 35.89 7.95
CA LYS A 17 0.81 35.46 8.83
C LYS A 17 0.30 34.55 9.95
N ALA A 18 -0.87 34.86 10.52
CA ALA A 18 -1.42 34.03 11.58
C ALA A 18 -1.72 32.63 11.07
N GLN A 19 -2.23 32.52 9.84
CA GLN A 19 -2.46 31.21 9.24
C GLN A 19 -1.14 30.45 9.10
N ARG A 20 -0.08 31.13 8.69
CA ARG A 20 1.22 30.47 8.57
C ARG A 20 1.72 29.97 9.92
N GLU A 21 1.56 30.78 10.97
CA GLU A 21 2.00 30.36 12.30
C GLU A 21 1.21 29.14 12.78
N ALA A 22 -0.11 29.16 12.57
CA ALA A 22 -0.94 28.02 12.97
C ALA A 22 -0.54 26.78 12.20
N ASN A 23 -0.29 26.92 10.89
CA ASN A 23 0.14 25.78 10.09
C ASN A 23 1.47 25.23 10.58
N LYS A 24 2.39 26.12 10.94
CA LYS A 24 3.69 25.68 11.44
C LYS A 24 3.54 24.89 12.74
N LYS A 25 2.71 25.40 13.66
CA LYS A 25 2.50 24.68 14.92
C LYS A 25 1.88 23.32 14.68
N ILE A 26 0.85 23.24 13.83
CA ILE A 26 0.19 21.96 13.58
C ILE A 26 1.13 21.00 12.86
N GLU A 27 1.97 21.52 11.97
CA GLU A 27 2.95 20.67 11.29
C GLU A 27 3.95 20.12 12.29
N LYS A 28 4.38 20.94 13.26
CA LYS A 28 5.27 20.45 14.30
C LYS A 28 4.61 19.35 15.13
N GLN A 29 3.33 19.54 15.46
CA GLN A 29 2.62 18.51 16.22
C GLN A 29 2.51 17.20 15.45
N LEU A 30 2.19 17.30 14.15
CA LEU A 30 2.11 16.10 13.33
C LEU A 30 3.48 15.43 13.20
N GLN A 31 4.55 16.22 13.11
CA GLN A 31 5.88 15.65 13.09
C GLN A 31 6.19 14.90 14.39
N LYS A 32 5.77 15.46 15.52
CA LYS A 32 5.96 14.77 16.79
C LYS A 32 5.18 13.47 16.85
N ASP A 33 3.94 13.47 16.35
CA ASP A 33 3.11 12.28 16.42
C ASP A 33 3.48 11.22 15.38
N LYS A 34 4.19 11.60 14.32
CA LYS A 34 4.59 10.63 13.30
C LYS A 34 5.49 9.55 13.89
N GLN A 35 6.47 9.95 14.71
CA GLN A 35 7.36 8.97 15.31
C GLN A 35 6.61 8.04 16.24
N VAL A 36 5.64 8.57 17.00
CA VAL A 36 4.85 7.73 17.91
C VAL A 36 4.01 6.73 17.12
N TYR A 37 3.40 7.18 16.02
CA TYR A 37 2.59 6.26 15.22
C TYR A 37 3.45 5.18 14.57
N ARG A 38 4.60 5.55 14.02
CA ARG A 38 5.42 4.58 13.30
C ARG A 38 6.20 3.65 14.22
N ALA A 39 6.25 3.92 15.53
CA ALA A 39 7.01 3.11 16.46
C ALA A 39 6.14 2.14 17.24
N THR A 40 4.90 1.90 16.80
CA THR A 40 4.02 0.93 17.43
C THR A 40 3.45 0.00 16.37
N HIS A 41 3.26 -1.26 16.74
CA HIS A 41 2.74 -2.27 15.83
C HIS A 41 1.35 -2.69 16.29
N ARG A 42 0.40 -2.66 15.36
CA ARG A 42 -0.99 -2.98 15.63
C ARG A 42 -1.30 -4.40 15.23
N LEU A 43 -2.22 -5.02 15.98
CA LEU A 43 -2.61 -6.40 15.75
C LEU A 43 -4.13 -6.49 15.71
N LEU A 44 -4.63 -7.43 14.93
CA LEU A 44 -6.08 -7.69 14.86
C LEU A 44 -6.36 -9.07 15.42
N LEU A 45 -6.89 -9.12 16.64
CA LEU A 45 -7.26 -10.39 17.25
C LEU A 45 -8.61 -10.84 16.71
N LEU A 46 -8.73 -12.13 16.40
CA LEU A 46 -9.96 -12.62 15.80
C LEU A 46 -10.03 -14.13 15.97
N GLY A 47 -11.25 -14.63 16.08
CA GLY A 47 -11.48 -16.05 16.11
C GLY A 47 -12.67 -16.41 16.97
N ALA A 48 -13.17 -17.62 16.77
CA ALA A 48 -14.25 -18.17 17.57
C ALA A 48 -13.72 -19.35 18.39
N GLY A 49 -13.92 -19.27 19.71
CA GLY A 49 -13.46 -20.33 20.58
C GLY A 49 -12.38 -19.91 21.55
N GLU A 50 -12.77 -19.65 22.79
CA GLU A 50 -11.85 -19.31 23.88
C GLU A 50 -11.01 -18.09 23.54
N SER A 51 -11.65 -17.05 23.03
CA SER A 51 -11.01 -15.76 22.84
C SER A 51 -11.19 -14.87 24.06
N GLY A 52 -10.90 -15.44 25.23
CA GLY A 52 -11.00 -14.73 26.49
C GLY A 52 -9.73 -14.90 27.30
N LYS A 53 -8.71 -15.46 26.65
CA LYS A 53 -7.38 -15.58 27.25
C LYS A 53 -6.56 -14.32 27.05
N ASN A 54 -7.15 -13.19 27.45
CA ASN A 54 -6.47 -11.89 27.35
C ASN A 54 -5.69 -11.64 28.62
N THR A 55 -4.37 -11.54 28.49
CA THR A 55 -3.48 -11.33 29.63
C THR A 55 -3.09 -9.86 29.68
N ILE A 56 -3.36 -9.23 30.82
CA ILE A 56 -3.01 -7.82 31.05
C ILE A 56 -2.11 -7.77 32.28
N VAL A 57 -0.95 -7.12 32.13
CA VAL A 57 0.00 -7.00 33.22
C VAL A 57 0.06 -5.55 33.70
N THR A 204 -21.50 -3.67 25.01
CA THR A 204 -21.43 -2.26 25.36
C THR A 204 -20.70 -1.46 24.29
N SER A 205 -19.39 -1.29 24.45
CA SER A 205 -18.61 -0.55 23.48
C SER A 205 -18.46 -1.37 22.20
N GLY A 206 -17.95 -0.70 21.16
CA GLY A 206 -17.83 -1.33 19.87
C GLY A 206 -16.63 -2.26 19.75
N ILE A 207 -15.42 -1.72 19.84
CA ILE A 207 -14.20 -2.49 19.67
C ILE A 207 -13.28 -2.18 20.83
N PHE A 208 -12.81 -3.21 21.52
CA PHE A 208 -11.96 -3.03 22.68
C PHE A 208 -10.49 -2.98 22.26
N GLU A 209 -9.70 -2.23 23.03
CA GLU A 209 -8.28 -2.06 22.76
C GLU A 209 -7.45 -2.47 23.97
N THR A 210 -6.30 -3.08 23.70
CA THR A 210 -5.37 -3.47 24.75
C THR A 210 -3.96 -3.12 24.32
N LYS A 211 -3.23 -2.41 25.18
CA LYS A 211 -1.88 -1.96 24.88
C LYS A 211 -0.92 -2.61 25.86
N PHE A 212 0.17 -3.17 25.34
CA PHE A 212 1.17 -3.77 26.23
C PHE A 212 2.55 -3.67 25.61
N GLN A 213 3.57 -3.74 26.45
CA GLN A 213 4.96 -3.61 26.04
C GLN A 213 5.73 -4.87 26.39
N VAL A 214 6.34 -5.49 25.39
CA VAL A 214 7.21 -6.64 25.56
C VAL A 214 8.58 -6.24 25.05
N ASP A 215 9.60 -6.33 25.92
CA ASP A 215 10.96 -5.90 25.60
C ASP A 215 10.99 -4.46 25.13
N LYS A 216 10.21 -3.61 25.79
CA LYS A 216 10.17 -2.17 25.51
C LYS A 216 9.78 -1.88 24.07
N VAL A 217 8.83 -2.65 23.53
CA VAL A 217 8.22 -2.38 22.23
C VAL A 217 6.71 -2.36 22.42
N ASN A 218 6.08 -1.28 21.97
CA ASN A 218 4.64 -1.13 22.13
C ASN A 218 3.88 -2.10 21.24
N PHE A 219 2.70 -2.51 21.72
CA PHE A 219 1.86 -3.44 20.99
C PHE A 219 0.41 -3.08 21.24
N HIS A 220 -0.36 -2.95 20.16
CA HIS A 220 -1.79 -2.67 20.20
C HIS A 220 -2.55 -3.91 19.74
N MET A 221 -3.66 -4.20 20.44
CA MET A 221 -4.51 -5.33 20.09
C MET A 221 -5.96 -4.88 20.10
N PHE A 222 -6.70 -5.28 19.06
CA PHE A 222 -8.09 -4.89 18.88
C PHE A 222 -8.99 -6.11 18.92
N ASP A 223 -9.98 -6.10 19.81
CA ASP A 223 -10.97 -7.16 19.92
C ASP A 223 -12.29 -6.64 19.39
N VAL A 224 -12.86 -7.36 18.42
CA VAL A 224 -14.13 -6.97 17.82
C VAL A 224 -15.27 -7.43 18.71
N GLY A 225 -16.01 -6.48 19.26
CA GLY A 225 -17.03 -6.80 20.24
C GLY A 225 -18.44 -6.81 19.68
N ALA A 226 -19.18 -5.72 19.88
CA ALA A 226 -20.58 -5.63 19.46
C ALA A 226 -20.64 -5.31 17.98
N GLN A 227 -20.58 -6.37 17.16
CA GLN A 227 -20.72 -6.25 15.72
C GLN A 227 -21.60 -7.39 15.22
N ARG A 228 -22.20 -7.17 14.05
CA ARG A 228 -23.07 -8.18 13.46
C ARG A 228 -22.24 -9.38 13.00
N ASP A 229 -22.94 -10.48 12.72
CA ASP A 229 -22.27 -11.71 12.33
C ASP A 229 -21.53 -11.53 11.01
N GLU A 230 -22.16 -10.84 10.04
CA GLU A 230 -21.52 -10.63 8.76
C GLU A 230 -20.31 -9.72 8.91
N ARG A 231 -19.24 -10.03 8.19
CA ARG A 231 -17.99 -9.33 8.37
C ARG A 231 -17.33 -8.91 7.06
N ARG A 232 -18.00 -9.04 5.93
CA ARG A 232 -17.36 -8.76 4.64
C ARG A 232 -17.10 -7.28 4.43
N LYS A 233 -17.69 -6.40 5.23
CA LYS A 233 -17.57 -4.95 5.05
C LYS A 233 -16.50 -4.33 5.95
N TRP A 234 -16.56 -4.59 7.26
CA TRP A 234 -15.61 -3.97 8.18
C TRP A 234 -14.27 -4.69 8.25
N ILE A 235 -14.14 -5.85 7.61
CA ILE A 235 -12.85 -6.54 7.59
C ILE A 235 -11.85 -5.79 6.72
N GLN A 236 -12.31 -4.93 5.82
CA GLN A 236 -11.40 -4.20 4.94
C GLN A 236 -10.64 -3.11 5.66
N CYS A 237 -11.10 -2.71 6.85
CA CYS A 237 -10.40 -1.68 7.61
C CYS A 237 -8.99 -2.14 7.99
N PHE A 238 -8.84 -3.42 8.36
CA PHE A 238 -7.56 -3.96 8.80
C PHE A 238 -6.71 -4.39 7.60
N ASN A 239 -6.38 -3.42 6.75
CA ASN A 239 -5.58 -3.68 5.56
C ASN A 239 -4.09 -3.47 5.77
N ASP A 240 -3.70 -2.54 6.65
CA ASP A 240 -2.29 -2.28 6.91
C ASP A 240 -1.84 -2.81 8.26
N VAL A 241 -2.67 -3.62 8.93
CA VAL A 241 -2.30 -4.17 10.22
C VAL A 241 -1.16 -5.15 10.05
N THR A 242 -0.20 -5.11 10.97
CA THR A 242 0.99 -5.95 10.86
C THR A 242 0.65 -7.43 10.91
N ALA A 243 -0.27 -7.82 11.79
CA ALA A 243 -0.61 -9.23 11.96
C ALA A 243 -2.08 -9.41 12.29
N ILE A 244 -2.68 -10.45 11.73
CA ILE A 244 -4.03 -10.87 12.06
C ILE A 244 -3.92 -12.17 12.82
N ILE A 245 -4.24 -12.14 14.11
CA ILE A 245 -4.23 -13.33 14.95
C ILE A 245 -5.55 -14.07 14.73
N PHE A 246 -5.46 -15.30 14.26
CA PHE A 246 -6.64 -16.13 13.98
C PHE A 246 -6.60 -17.31 14.94
N VAL A 247 -7.53 -17.34 15.88
CA VAL A 247 -7.63 -18.42 16.85
C VAL A 247 -8.71 -19.38 16.39
N VAL A 248 -8.36 -20.65 16.19
CA VAL A 248 -9.29 -21.67 15.71
C VAL A 248 -9.38 -22.78 16.73
N ALA A 249 -10.59 -23.08 17.18
CA ALA A 249 -10.80 -24.17 18.12
C ALA A 249 -10.46 -25.51 17.48
N SER A 250 -9.83 -26.39 18.25
CA SER A 250 -9.40 -27.69 17.76
C SER A 250 -10.14 -28.84 18.44
N SER A 251 -11.29 -28.57 19.04
CA SER A 251 -12.04 -29.63 19.71
C SER A 251 -12.66 -30.59 18.69
N SER A 252 -13.52 -30.06 17.82
CA SER A 252 -14.17 -30.89 16.81
C SER A 252 -14.45 -30.08 15.55
N THR A 263 -22.62 -26.60 14.51
CA THR A 263 -22.08 -27.95 14.37
C THR A 263 -20.90 -27.96 13.39
N ASN A 264 -19.91 -28.81 13.69
CA ASN A 264 -18.70 -28.93 12.88
C ASN A 264 -17.98 -27.58 12.78
N ARG A 265 -17.50 -27.11 13.93
CA ARG A 265 -16.86 -25.80 13.99
C ARG A 265 -15.57 -25.75 13.19
N LEU A 266 -14.83 -26.86 13.11
CA LEU A 266 -13.55 -26.84 12.43
C LEU A 266 -13.71 -26.52 10.94
N GLN A 267 -14.73 -27.11 10.30
CA GLN A 267 -14.94 -26.86 8.88
C GLN A 267 -15.28 -25.40 8.61
N ALA A 268 -16.15 -24.82 9.45
CA ALA A 268 -16.50 -23.41 9.29
C ALA A 268 -15.29 -22.50 9.50
N ALA A 269 -14.47 -22.81 10.52
CA ALA A 269 -13.27 -22.02 10.75
C ALA A 269 -12.30 -22.12 9.58
N LEU A 270 -12.14 -23.33 9.04
CA LEU A 270 -11.26 -23.51 7.90
C LEU A 270 -11.76 -22.74 6.68
N LYS A 271 -13.07 -22.76 6.44
CA LYS A 271 -13.63 -22.00 5.33
C LYS A 271 -13.46 -20.50 5.53
N LEU A 272 -13.66 -20.00 6.76
CA LEU A 272 -13.45 -18.59 7.01
C LEU A 272 -12.00 -18.18 6.78
N PHE A 273 -11.06 -19.02 7.22
CA PHE A 273 -9.65 -18.75 6.97
C PHE A 273 -9.35 -18.75 5.47
N ASP A 274 -9.95 -19.69 4.73
CA ASP A 274 -9.75 -19.70 3.29
C ASP A 274 -10.29 -18.42 2.65
N SER A 275 -11.46 -17.96 3.09
CA SER A 275 -12.02 -16.74 2.54
C SER A 275 -11.14 -15.53 2.83
N ILE A 276 -10.61 -15.43 4.05
CA ILE A 276 -9.72 -14.30 4.37
C ILE A 276 -8.33 -14.46 3.78
N TRP A 277 -8.00 -15.65 3.26
CA TRP A 277 -6.68 -15.86 2.68
C TRP A 277 -6.61 -15.51 1.20
N ASN A 278 -7.73 -15.60 0.48
CA ASN A 278 -7.79 -15.32 -0.95
C ASN A 278 -8.56 -14.04 -1.24
N ASN A 279 -8.41 -13.02 -0.40
CA ASN A 279 -9.08 -11.75 -0.57
C ASN A 279 -8.12 -10.72 -1.17
N LYS A 280 -8.68 -9.78 -1.93
CA LYS A 280 -7.83 -8.84 -2.66
C LYS A 280 -7.12 -7.87 -1.73
N TRP A 281 -7.83 -7.33 -0.74
CA TRP A 281 -7.26 -6.30 0.12
C TRP A 281 -6.42 -6.87 1.25
N LEU A 282 -6.65 -8.14 1.62
CA LEU A 282 -5.89 -8.79 2.68
C LEU A 282 -4.81 -9.71 2.14
N ARG A 283 -4.49 -9.60 0.86
CA ARG A 283 -3.47 -10.44 0.24
C ARG A 283 -2.08 -10.19 0.80
N ASP A 284 -1.81 -9.00 1.33
CA ASP A 284 -0.50 -8.69 1.88
C ASP A 284 -0.42 -8.88 3.38
N THR A 285 -1.53 -8.77 4.10
CA THR A 285 -1.51 -8.94 5.55
C THR A 285 -1.19 -10.38 5.91
N SER A 286 -0.38 -10.55 6.97
CA SER A 286 0.05 -11.86 7.42
C SER A 286 -0.82 -12.36 8.56
N VAL A 287 -0.98 -13.68 8.61
CA VAL A 287 -1.89 -14.35 9.55
C VAL A 287 -1.08 -15.20 10.50
N ILE A 288 -1.32 -15.03 11.79
CA ILE A 288 -0.71 -15.84 12.84
C ILE A 288 -1.78 -16.76 13.39
N LEU A 289 -1.57 -18.07 13.23
CA LEU A 289 -2.60 -19.06 13.52
C LEU A 289 -2.36 -19.69 14.88
N PHE A 290 -3.38 -19.64 15.75
CA PHE A 290 -3.35 -20.31 17.04
C PHE A 290 -4.35 -21.45 17.04
N LEU A 291 -3.91 -22.61 17.52
CA LEU A 291 -4.73 -23.80 17.66
C LEU A 291 -4.78 -24.14 19.15
N ASN A 292 -5.69 -23.49 19.88
CA ASN A 292 -5.78 -23.68 21.31
C ASN A 292 -6.66 -24.90 21.60
N LYS A 293 -7.03 -25.09 22.87
CA LYS A 293 -7.93 -26.16 23.30
C LYS A 293 -7.35 -27.53 22.93
N GLN A 294 -6.28 -27.89 23.63
CA GLN A 294 -5.63 -29.17 23.39
C GLN A 294 -6.62 -30.32 23.53
N ASP A 295 -6.48 -31.30 22.65
CA ASP A 295 -7.49 -32.36 22.52
C ASP A 295 -7.42 -33.34 23.68
N LEU A 296 -8.57 -33.63 24.26
CA LEU A 296 -8.73 -34.76 25.16
C LEU A 296 -9.95 -35.61 24.85
N LEU A 297 -10.96 -35.05 24.17
CA LEU A 297 -12.10 -35.86 23.73
C LEU A 297 -11.66 -36.91 22.72
N ALA A 298 -10.79 -36.54 21.79
CA ALA A 298 -10.26 -37.47 20.79
C ALA A 298 -9.04 -38.21 21.33
N GLU A 299 -9.20 -38.83 22.49
CA GLU A 299 -8.12 -39.60 23.10
C GLU A 299 -8.62 -41.00 23.46
N LYS A 300 -9.92 -41.11 23.76
CA LYS A 300 -10.52 -42.40 24.09
C LYS A 300 -12.00 -42.39 23.75
N ILE A 308 -10.09 -35.82 11.78
CA ILE A 308 -10.56 -36.32 13.07
C ILE A 308 -11.74 -37.25 12.88
N GLU A 309 -11.55 -38.52 13.25
CA GLU A 309 -12.59 -39.55 13.22
C GLU A 309 -13.11 -39.67 11.80
N ASP A 310 -14.43 -39.73 11.57
CA ASP A 310 -15.00 -39.92 10.24
C ASP A 310 -15.61 -38.66 9.66
N TYR A 311 -15.48 -37.51 10.33
CA TYR A 311 -15.94 -36.26 9.75
C TYR A 311 -15.15 -35.92 8.49
N PHE A 312 -13.82 -36.14 8.51
CA PHE A 312 -12.94 -35.94 7.37
C PHE A 312 -12.59 -37.28 6.73
N PRO A 313 -12.38 -37.32 5.42
CA PRO A 313 -12.12 -38.60 4.76
C PRO A 313 -10.65 -38.98 4.73
N GLU A 314 -9.77 -37.99 4.69
CA GLU A 314 -8.34 -38.24 4.50
C GLU A 314 -7.62 -38.30 5.84
N PHE A 315 -7.96 -39.35 6.61
CA PHE A 315 -7.38 -39.51 7.93
C PHE A 315 -6.85 -40.93 8.12
N ALA A 316 -7.43 -41.89 7.39
CA ALA A 316 -7.00 -43.28 7.49
C ALA A 316 -5.77 -43.58 6.65
N ARG A 317 -5.35 -42.65 5.78
CA ARG A 317 -4.19 -42.86 4.92
C ARG A 317 -3.21 -41.69 5.02
N TYR A 318 -3.11 -41.09 6.20
CA TYR A 318 -2.19 -39.98 6.44
C TYR A 318 -1.27 -40.35 7.59
N THR A 319 0.03 -40.14 7.40
CA THR A 319 1.05 -40.44 8.39
C THR A 319 1.72 -39.16 8.86
N THR A 320 2.42 -39.26 9.97
CA THR A 320 3.10 -38.11 10.54
C THR A 320 4.15 -37.61 9.56
N PRO A 321 4.17 -36.32 9.23
CA PRO A 321 5.08 -35.80 8.19
C PRO A 321 6.50 -35.54 8.66
N GLU A 322 7.05 -36.50 9.41
CA GLU A 322 8.45 -36.48 9.85
C GLU A 322 8.80 -35.16 10.56
N ASP A 323 7.85 -34.65 11.33
CA ASP A 323 8.04 -33.41 12.07
C ASP A 323 8.49 -33.72 13.49
N ALA A 324 9.20 -32.77 14.09
CA ALA A 324 9.77 -32.94 15.43
C ALA A 324 8.65 -32.95 16.46
N THR A 325 8.27 -34.15 16.89
CA THR A 325 7.26 -34.27 17.93
C THR A 325 7.75 -33.61 19.21
N PRO A 326 6.92 -32.80 19.86
CA PRO A 326 7.40 -32.09 21.07
C PRO A 326 7.92 -33.02 22.15
N GLU A 327 7.27 -34.16 22.36
CA GLU A 327 7.64 -35.15 23.36
C GLU A 327 7.87 -34.53 24.73
N PRO A 328 6.84 -33.95 25.37
CA PRO A 328 6.99 -33.45 26.74
C PRO A 328 6.89 -34.52 27.81
N GLY A 329 6.98 -35.80 27.44
CA GLY A 329 6.79 -36.90 28.36
C GLY A 329 5.98 -38.01 27.72
N GLU A 330 5.10 -37.64 26.79
CA GLU A 330 4.30 -38.58 26.04
C GLU A 330 3.81 -37.91 24.76
N ASP A 331 3.61 -38.71 23.72
CA ASP A 331 3.09 -38.19 22.47
C ASP A 331 2.47 -39.30 21.63
N PRO A 332 1.25 -39.73 21.97
CA PRO A 332 0.55 -40.71 21.14
C PRO A 332 -0.02 -40.10 19.86
N ARG A 333 -0.87 -40.84 19.17
CA ARG A 333 -1.48 -40.46 17.90
C ARG A 333 -2.11 -39.07 17.90
N VAL A 334 -2.30 -38.48 19.09
CA VAL A 334 -2.72 -37.10 19.18
C VAL A 334 -1.78 -36.20 18.38
N THR A 335 -0.50 -36.59 18.29
CA THR A 335 0.44 -35.88 17.43
C THR A 335 -0.03 -35.92 15.98
N ARG A 336 -0.43 -37.10 15.50
CA ARG A 336 -0.91 -37.21 14.12
C ARG A 336 -2.16 -36.39 13.92
N ALA A 337 -3.06 -36.36 14.91
CA ALA A 337 -4.27 -35.56 14.78
C ALA A 337 -3.94 -34.08 14.63
N LYS A 338 -3.08 -33.57 15.52
CA LYS A 338 -2.72 -32.16 15.45
C LYS A 338 -2.04 -31.82 14.13
N TYR A 339 -1.13 -32.68 13.68
CA TYR A 339 -0.41 -32.38 12.45
C TYR A 339 -1.30 -32.54 11.22
N PHE A 340 -2.34 -33.38 11.30
CA PHE A 340 -3.30 -33.46 10.21
C PHE A 340 -4.14 -32.19 10.12
N ILE A 341 -4.56 -31.63 11.26
CA ILE A 341 -5.27 -30.37 11.23
C ILE A 341 -4.39 -29.28 10.64
N ARG A 342 -3.12 -29.23 11.08
CA ARG A 342 -2.21 -28.24 10.54
C ARG A 342 -1.97 -28.45 9.04
N ASP A 343 -1.93 -29.71 8.60
CA ASP A 343 -1.71 -30.00 7.20
C ASP A 343 -2.88 -29.53 6.35
N GLU A 344 -4.12 -29.72 6.83
CA GLU A 344 -5.27 -29.19 6.10
C GLU A 344 -5.20 -27.67 6.02
N PHE A 345 -4.88 -27.02 7.14
CA PHE A 345 -4.73 -25.56 7.13
C PHE A 345 -3.69 -25.12 6.09
N LEU A 346 -2.57 -25.83 6.03
CA LEU A 346 -1.50 -25.44 5.11
C LEU A 346 -1.89 -25.72 3.66
N ARG A 347 -2.55 -26.85 3.41
CA ARG A 347 -2.97 -27.18 2.05
C ARG A 347 -3.96 -26.15 1.52
N ILE A 348 -4.79 -25.58 2.39
CA ILE A 348 -5.57 -24.42 1.98
C ILE A 348 -4.66 -23.20 1.81
N SER A 349 -3.64 -23.07 2.67
CA SER A 349 -2.80 -21.89 2.66
C SER A 349 -1.84 -21.87 1.47
N THR A 350 -0.98 -22.90 1.38
CA THR A 350 0.16 -22.85 0.47
C THR A 350 -0.19 -23.18 -0.98
N ALA A 351 -1.42 -23.63 -1.26
CA ALA A 351 -1.79 -24.00 -2.62
C ALA A 351 -2.15 -22.79 -3.47
N SER A 352 -2.19 -21.59 -2.90
CA SER A 352 -2.54 -20.39 -3.65
C SER A 352 -1.83 -19.21 -3.00
N GLY A 353 -2.26 -18.00 -3.33
CA GLY A 353 -1.67 -16.79 -2.78
C GLY A 353 -0.60 -16.21 -3.68
N ASP A 354 -0.76 -14.95 -4.08
CA ASP A 354 0.21 -14.32 -4.97
C ASP A 354 1.57 -14.17 -4.27
N GLY A 355 1.57 -13.68 -3.04
CA GLY A 355 2.81 -13.56 -2.30
C GLY A 355 2.70 -12.46 -1.25
N ARG A 356 3.86 -12.13 -0.69
CA ARG A 356 4.04 -11.07 0.29
C ARG A 356 3.36 -11.35 1.62
N HIS A 357 2.98 -12.61 1.88
CA HIS A 357 2.41 -12.96 3.18
C HIS A 357 2.59 -14.46 3.39
N TYR A 358 2.61 -14.86 4.66
CA TYR A 358 2.73 -16.26 5.03
C TYR A 358 1.84 -16.53 6.24
N CYS A 359 1.57 -17.82 6.45
CA CYS A 359 0.84 -18.28 7.63
C CYS A 359 1.83 -18.84 8.64
N TYR A 360 1.62 -18.52 9.92
CA TYR A 360 2.51 -18.92 11.00
C TYR A 360 1.78 -19.85 11.94
N PRO A 361 1.90 -21.15 11.77
CA PRO A 361 1.25 -22.09 12.68
C PRO A 361 1.87 -22.07 14.06
N HIS A 362 1.05 -22.42 15.05
CA HIS A 362 1.50 -22.50 16.43
C HIS A 362 0.63 -23.51 17.17
N PHE A 363 1.15 -24.00 18.30
CA PHE A 363 0.41 -24.88 19.19
C PHE A 363 0.44 -24.25 20.57
N THR A 364 -0.70 -23.69 20.98
CA THR A 364 -0.80 -22.96 22.23
C THR A 364 -1.90 -23.56 23.10
N CYS A 365 -1.66 -23.56 24.41
CA CYS A 365 -2.66 -24.03 25.36
C CYS A 365 -3.62 -22.87 25.68
N SER A 366 -4.43 -23.05 26.73
CA SER A 366 -5.39 -22.00 27.09
C SER A 366 -4.69 -20.71 27.49
N VAL A 367 -3.63 -20.83 28.30
CA VAL A 367 -2.88 -19.64 28.73
C VAL A 367 -1.41 -19.79 28.39
N ASP A 368 -0.74 -20.76 29.01
CA ASP A 368 0.67 -21.06 28.78
C ASP A 368 1.61 -19.92 29.16
N THR A 369 1.05 -18.80 29.64
CA THR A 369 1.76 -17.62 30.13
C THR A 369 2.97 -17.23 29.27
N GLU A 370 2.89 -17.51 27.97
CA GLU A 370 3.97 -17.17 27.05
C GLU A 370 3.48 -16.67 25.70
N ASN A 371 2.17 -16.45 25.53
CA ASN A 371 1.62 -16.09 24.22
C ASN A 371 2.00 -14.68 23.80
N ILE A 372 2.55 -13.86 24.70
CA ILE A 372 3.06 -12.55 24.30
C ILE A 372 4.40 -12.63 23.61
N ARG A 373 5.03 -13.81 23.60
CA ARG A 373 6.34 -13.98 22.98
C ARG A 373 6.25 -14.52 21.56
N ARG A 374 5.30 -15.44 21.31
CA ARG A 374 5.11 -15.95 19.96
C ARG A 374 4.73 -14.83 19.00
N VAL A 375 3.83 -13.95 19.44
CA VAL A 375 3.44 -12.81 18.61
C VAL A 375 4.64 -11.91 18.34
N PHE A 376 5.48 -11.70 19.38
CA PHE A 376 6.69 -10.90 19.22
C PHE A 376 7.58 -11.47 18.13
N ASN A 377 7.89 -12.77 18.23
CA ASN A 377 8.79 -13.39 17.26
C ASN A 377 8.19 -13.39 15.86
N ASP A 378 6.88 -13.63 15.76
CA ASP A 378 6.24 -13.66 14.44
C ASP A 378 6.25 -12.28 13.80
N CYS A 379 5.98 -11.22 14.58
CA CYS A 379 6.05 -9.88 14.04
C CYS A 379 7.46 -9.55 13.58
N ARG A 380 8.47 -9.95 14.36
CA ARG A 380 9.86 -9.72 13.95
C ARG A 380 10.17 -10.43 12.64
N ASP A 381 9.72 -11.68 12.50
CA ASP A 381 9.96 -12.41 11.25
C ASP A 381 9.25 -11.75 10.08
N ILE A 382 8.03 -11.26 10.29
CA ILE A 382 7.29 -10.60 9.23
C ILE A 382 8.05 -9.36 8.76
N ILE A 383 8.54 -8.56 9.70
CA ILE A 383 9.27 -7.35 9.33
C ILE A 383 10.57 -7.70 8.62
N GLN A 384 11.28 -8.72 9.10
CA GLN A 384 12.52 -9.12 8.43
C GLN A 384 12.24 -9.57 6.99
N ARG A 385 11.18 -10.34 6.78
CA ARG A 385 10.86 -10.79 5.44
C ARG A 385 10.48 -9.63 4.53
N MET A 386 9.68 -8.69 5.06
CA MET A 386 9.29 -7.53 4.24
C MET A 386 10.49 -6.70 3.84
N HIS A 387 11.41 -6.46 4.78
CA HIS A 387 12.59 -5.66 4.46
C HIS A 387 13.54 -6.40 3.53
N LEU A 388 13.67 -7.71 3.66
CA LEU A 388 14.48 -8.48 2.71
C LEU A 388 13.89 -8.40 1.32
N ARG A 389 12.57 -8.50 1.20
CA ARG A 389 11.93 -8.41 -0.10
C ARG A 389 12.08 -7.00 -0.68
N GLN A 390 12.07 -5.98 0.17
CA GLN A 390 12.24 -4.61 -0.31
C GLN A 390 13.61 -4.38 -0.93
N TYR A 391 14.67 -4.96 -0.35
CA TYR A 391 16.03 -4.77 -0.85
C TYR A 391 16.34 -5.67 -2.04
N GLU A 392 15.36 -6.43 -2.54
CA GLU A 392 15.55 -7.30 -3.70
C GLU A 392 16.64 -8.34 -3.43
N LEU A 393 16.66 -8.88 -2.21
CA LEU A 393 17.61 -9.91 -1.84
C LEU A 393 16.92 -11.23 -1.53
N LEU A 394 15.98 -11.23 -0.57
CA LEU A 394 15.22 -12.42 -0.17
C LEU A 394 16.09 -13.66 -0.02
N GLU B 13 -50.20 -21.20 7.30
CA GLU B 13 -50.09 -19.80 7.73
C GLU B 13 -48.95 -19.11 7.02
N LEU B 14 -47.73 -19.56 7.29
CA LEU B 14 -46.56 -18.97 6.63
C LEU B 14 -46.59 -19.22 5.13
N ASP B 15 -46.99 -20.44 4.72
CA ASP B 15 -47.01 -20.77 3.29
C ASP B 15 -48.04 -19.91 2.54
N GLN B 16 -49.22 -19.72 3.13
CA GLN B 16 -50.25 -18.94 2.44
C GLN B 16 -49.94 -17.45 2.47
N LEU B 17 -49.20 -16.98 3.48
CA LEU B 17 -48.89 -15.56 3.56
C LEU B 17 -47.81 -15.17 2.55
N ARG B 18 -46.92 -16.10 2.19
CA ARG B 18 -45.95 -15.81 1.15
C ARG B 18 -46.62 -15.65 -0.21
N GLN B 19 -47.77 -16.28 -0.41
CA GLN B 19 -48.49 -16.14 -1.66
C GLN B 19 -48.96 -14.69 -1.86
N GLU B 20 -49.41 -14.04 -0.78
CA GLU B 20 -49.83 -12.65 -0.88
C GLU B 20 -48.66 -11.74 -1.29
N ALA B 21 -47.49 -11.96 -0.69
CA ALA B 21 -46.32 -11.18 -1.07
C ALA B 21 -45.92 -11.44 -2.51
N GLU B 22 -45.98 -12.69 -2.95
CA GLU B 22 -45.66 -13.01 -4.34
C GLU B 22 -46.63 -12.32 -5.31
N GLN B 23 -47.92 -12.34 -4.98
CA GLN B 23 -48.91 -11.69 -5.85
C GLN B 23 -48.69 -10.19 -5.88
N LEU B 24 -48.38 -9.57 -4.74
CA LEU B 24 -48.14 -8.14 -4.71
C LEU B 24 -46.90 -7.78 -5.52
N LYS B 25 -45.84 -8.58 -5.41
CA LYS B 25 -44.63 -8.31 -6.20
C LYS B 25 -44.91 -8.48 -7.69
N ASN B 26 -45.72 -9.48 -8.06
CA ASN B 26 -46.09 -9.65 -9.46
C ASN B 26 -46.87 -8.45 -9.97
N GLN B 27 -47.82 -7.95 -9.18
CA GLN B 27 -48.59 -6.78 -9.59
C GLN B 27 -47.69 -5.55 -9.73
N ILE B 28 -46.76 -5.37 -8.79
CA ILE B 28 -45.84 -4.23 -8.86
C ILE B 28 -44.97 -4.33 -10.11
N ARG B 29 -44.46 -5.51 -10.41
CA ARG B 29 -43.63 -5.69 -11.60
C ARG B 29 -44.43 -5.44 -12.88
N ASP B 30 -45.68 -5.92 -12.91
CA ASP B 30 -46.52 -5.69 -14.08
C ASP B 30 -46.80 -4.20 -14.27
N ALA B 31 -47.05 -3.47 -13.18
CA ALA B 31 -47.25 -2.04 -13.27
C ALA B 31 -45.99 -1.32 -13.75
N ARG B 32 -44.82 -1.73 -13.23
CA ARG B 32 -43.57 -1.10 -13.65
C ARG B 32 -43.29 -1.33 -15.12
N LYS B 33 -43.50 -2.56 -15.60
CA LYS B 33 -43.21 -2.88 -16.99
C LYS B 33 -44.29 -2.40 -17.96
N ALA B 34 -45.45 -2.00 -17.45
CA ALA B 34 -46.50 -1.51 -18.34
C ALA B 34 -46.20 -0.11 -18.85
N CYS B 35 -45.71 0.77 -17.98
CA CYS B 35 -45.41 2.16 -18.34
C CYS B 35 -43.92 2.32 -18.66
N ALA B 36 -43.49 1.66 -19.72
CA ALA B 36 -42.11 1.72 -20.18
C ALA B 36 -42.05 1.83 -21.70
N ASP B 37 -42.89 2.68 -22.28
CA ASP B 37 -42.92 2.84 -23.73
C ASP B 37 -41.59 3.38 -24.25
N ALA B 38 -41.02 4.36 -23.56
CA ALA B 38 -39.74 4.93 -23.92
C ALA B 38 -38.73 4.59 -22.82
N THR B 39 -37.58 4.04 -23.22
CA THR B 39 -36.60 3.52 -22.27
C THR B 39 -35.30 4.31 -22.31
N LEU B 40 -35.32 5.53 -22.87
CA LEU B 40 -34.13 6.35 -23.08
C LEU B 40 -33.13 5.62 -23.98
N SER B 41 -32.02 6.29 -24.30
CA SER B 41 -31.02 5.79 -25.25
C SER B 41 -31.65 5.63 -26.64
N GLN B 42 -32.93 6.00 -26.76
CA GLN B 42 -33.63 6.17 -28.02
C GLN B 42 -34.22 7.56 -28.15
N ILE B 43 -34.72 8.13 -27.04
CA ILE B 43 -35.01 9.55 -27.00
C ILE B 43 -33.73 10.36 -27.12
N THR B 44 -32.68 9.95 -26.41
CA THR B 44 -31.40 10.65 -26.43
C THR B 44 -30.63 10.24 -27.69
N ASN B 45 -31.04 10.83 -28.81
CA ASN B 45 -30.33 10.64 -30.07
C ASN B 45 -30.12 11.93 -30.85
N ASN B 46 -30.58 13.07 -30.33
CA ASN B 46 -30.36 14.36 -30.96
C ASN B 46 -29.42 15.25 -30.17
N ILE B 47 -29.07 14.89 -28.94
CA ILE B 47 -28.18 15.70 -28.13
C ILE B 47 -26.76 15.55 -28.63
N ASP B 48 -26.01 16.65 -28.61
CA ASP B 48 -24.60 16.60 -28.98
C ASP B 48 -23.79 15.91 -27.87
N PRO B 49 -22.70 15.24 -28.24
CA PRO B 49 -21.88 14.59 -27.21
C PRO B 49 -21.16 15.61 -26.34
N VAL B 50 -20.76 15.14 -25.16
CA VAL B 50 -20.00 15.98 -24.24
C VAL B 50 -18.66 16.37 -24.86
N GLY B 51 -18.00 15.41 -25.49
CA GLY B 51 -16.70 15.66 -26.10
C GLY B 51 -15.57 15.03 -25.32
N ARG B 52 -14.46 15.75 -25.19
CA ARG B 52 -13.31 15.27 -24.44
C ARG B 52 -13.14 16.14 -23.20
N ILE B 53 -13.06 15.49 -22.04
CA ILE B 53 -12.90 16.19 -20.77
C ILE B 53 -11.67 15.63 -20.08
N GLN B 54 -10.67 16.49 -19.89
CA GLN B 54 -9.44 16.12 -19.19
C GLN B 54 -9.19 17.12 -18.08
N MET B 55 -8.90 16.61 -16.89
CA MET B 55 -8.66 17.45 -15.71
C MET B 55 -7.25 17.19 -15.21
N ARG B 56 -6.52 18.26 -14.95
CA ARG B 56 -5.17 18.17 -14.40
C ARG B 56 -5.24 18.34 -12.89
N THR B 57 -4.33 17.65 -12.19
CA THR B 57 -4.26 17.77 -10.74
C THR B 57 -3.67 19.13 -10.36
N ARG B 58 -4.34 19.83 -9.44
CA ARG B 58 -3.86 21.14 -9.00
C ARG B 58 -3.11 21.05 -7.67
N ARG B 59 -3.75 20.50 -6.65
CA ARG B 59 -3.16 20.41 -5.32
C ARG B 59 -3.10 18.95 -4.90
N THR B 60 -2.16 18.65 -3.99
CA THR B 60 -1.99 17.29 -3.46
C THR B 60 -1.75 17.42 -1.96
N LEU B 61 -2.83 17.32 -1.20
CA LEU B 61 -2.72 17.42 0.26
C LEU B 61 -2.04 16.18 0.81
N ARG B 62 -0.98 16.39 1.60
CA ARG B 62 -0.18 15.30 2.15
C ARG B 62 0.07 15.60 3.63
N GLY B 63 -0.83 15.15 4.49
CA GLY B 63 -0.67 15.33 5.91
C GLY B 63 -1.19 14.17 6.71
N HIS B 64 -1.54 13.08 6.04
CA HIS B 64 -2.13 11.91 6.67
C HIS B 64 -1.13 10.76 6.67
N LEU B 65 -1.04 10.06 7.80
CA LEU B 65 -0.14 8.94 7.94
C LEU B 65 -0.73 7.65 7.38
N ALA B 66 -2.03 7.43 7.58
CA ALA B 66 -2.72 6.22 7.13
C ALA B 66 -3.76 6.58 6.08
N LYS B 67 -4.51 5.56 5.65
CA LYS B 67 -5.46 5.74 4.57
C LYS B 67 -6.62 6.64 4.98
N ILE B 68 -6.94 7.60 4.12
CA ILE B 68 -8.10 8.46 4.34
C ILE B 68 -9.36 7.68 4.00
N TYR B 69 -10.42 7.90 4.78
CA TYR B 69 -11.64 7.13 4.56
C TYR B 69 -12.83 7.96 4.08
N ALA B 70 -12.84 9.27 4.35
CA ALA B 70 -13.98 10.09 3.93
C ALA B 70 -13.57 11.55 3.91
N MET B 71 -14.38 12.36 3.25
CA MET B 71 -14.20 13.80 3.25
C MET B 71 -15.53 14.46 2.92
N HIS B 72 -15.68 15.72 3.37
CA HIS B 72 -16.90 16.47 3.13
C HIS B 72 -16.54 17.94 2.98
N TRP B 73 -17.09 18.59 1.96
CA TRP B 73 -16.82 20.00 1.71
C TRP B 73 -17.67 20.88 2.64
N GLY B 74 -17.23 22.13 2.78
CA GLY B 74 -17.96 23.10 3.56
C GLY B 74 -19.07 23.74 2.75
N THR B 75 -19.58 24.84 3.29
CA THR B 75 -20.63 25.59 2.63
C THR B 75 -20.10 26.75 1.79
N ASP B 76 -18.79 26.98 1.77
CA ASP B 76 -18.20 28.08 1.03
C ASP B 76 -17.15 27.61 0.04
N SER B 77 -17.13 26.32 -0.28
CA SER B 77 -16.26 25.71 -1.28
C SER B 77 -14.78 25.83 -0.92
N ARG B 78 -14.45 26.30 0.28
CA ARG B 78 -13.07 26.51 0.68
C ARG B 78 -12.64 25.57 1.81
N LEU B 79 -13.34 25.58 2.93
CA LEU B 79 -12.96 24.76 4.06
C LEU B 79 -13.29 23.30 3.81
N LEU B 80 -12.40 22.41 4.23
CA LEU B 80 -12.59 20.98 4.01
C LEU B 80 -12.23 20.24 5.29
N VAL B 81 -12.80 19.05 5.46
CA VAL B 81 -12.48 18.19 6.60
C VAL B 81 -12.19 16.78 6.06
N SER B 82 -11.12 16.18 6.54
CA SER B 82 -10.68 14.86 6.08
C SER B 82 -10.41 13.97 7.28
N ALA B 83 -10.90 12.74 7.22
CA ALA B 83 -10.78 11.77 8.29
C ALA B 83 -9.87 10.63 7.86
N SER B 84 -8.87 10.33 8.68
CA SER B 84 -7.91 9.28 8.38
C SER B 84 -8.19 8.05 9.21
N GLN B 85 -7.39 7.00 8.98
CA GLN B 85 -7.47 5.78 9.76
C GLN B 85 -6.49 5.77 10.93
N ASP B 86 -5.72 6.85 11.10
CA ASP B 86 -4.78 6.97 12.21
C ASP B 86 -5.29 7.90 13.31
N GLY B 87 -6.60 7.99 13.46
CA GLY B 87 -7.18 8.83 14.50
C GLY B 87 -6.91 10.30 14.30
N LYS B 88 -7.07 10.79 13.08
CA LYS B 88 -6.82 12.20 12.76
C LYS B 88 -8.00 12.76 11.97
N LEU B 89 -8.45 13.94 12.37
CA LEU B 89 -9.47 14.69 11.65
C LEU B 89 -8.88 16.06 11.33
N ILE B 90 -8.52 16.28 10.08
CA ILE B 90 -7.78 17.47 9.67
C ILE B 90 -8.74 18.42 8.95
N ILE B 91 -8.83 19.65 9.45
CA ILE B 91 -9.59 20.71 8.79
C ILE B 91 -8.60 21.56 8.01
N TRP B 92 -8.85 21.68 6.71
CA TRP B 92 -7.93 22.19 5.71
C TRP B 92 -8.52 23.40 4.99
N ASP B 93 -7.64 24.27 4.52
CA ASP B 93 -7.98 25.35 3.61
C ASP B 93 -7.43 24.99 2.24
N SER B 94 -8.31 24.85 1.25
CA SER B 94 -7.91 24.25 -0.01
C SER B 94 -7.07 25.20 -0.86
N TYR B 95 -7.44 26.48 -0.89
CA TYR B 95 -6.74 27.43 -1.77
C TYR B 95 -5.28 27.60 -1.36
N THR B 96 -5.00 27.70 -0.06
CA THR B 96 -3.67 27.96 0.44
C THR B 96 -3.00 26.73 1.03
N THR B 97 -3.60 25.56 0.86
CA THR B 97 -3.10 24.26 1.35
C THR B 97 -2.43 24.36 2.71
N ASN B 98 -3.20 24.86 3.68
CA ASN B 98 -2.76 24.95 5.06
C ASN B 98 -3.74 24.23 5.97
N LYS B 99 -3.22 23.67 7.05
CA LYS B 99 -4.03 22.90 8.00
C LYS B 99 -4.49 23.85 9.11
N VAL B 100 -5.74 24.29 9.04
CA VAL B 100 -6.24 25.17 10.08
C VAL B 100 -6.46 24.40 11.37
N HIS B 101 -6.85 23.12 11.30
CA HIS B 101 -7.05 22.35 12.52
C HIS B 101 -6.63 20.91 12.32
N ALA B 102 -6.24 20.27 13.41
CA ALA B 102 -5.94 18.84 13.40
C ALA B 102 -6.40 18.27 14.74
N ILE B 103 -7.54 17.60 14.75
CA ILE B 103 -8.17 17.10 15.97
C ILE B 103 -7.82 15.63 16.11
N PRO B 104 -7.24 15.19 17.24
CA PRO B 104 -7.10 13.76 17.51
C PRO B 104 -8.43 13.13 17.88
N LEU B 105 -8.48 11.81 17.77
CA LEU B 105 -9.71 11.07 17.98
C LEU B 105 -9.48 9.94 18.97
N ARG B 106 -10.46 9.74 19.87
CA ARG B 106 -10.35 8.64 20.82
C ARG B 106 -10.36 7.29 20.13
N SER B 107 -11.21 7.13 19.12
CA SER B 107 -11.30 5.89 18.35
C SER B 107 -10.52 6.09 17.06
N SER B 108 -9.40 5.38 16.93
CA SER B 108 -8.55 5.53 15.76
C SER B 108 -9.25 5.10 14.48
N TRP B 109 -10.29 4.27 14.56
CA TRP B 109 -10.98 3.78 13.39
C TRP B 109 -12.13 4.72 13.05
N VAL B 110 -12.05 5.36 11.89
CA VAL B 110 -13.04 6.34 11.45
C VAL B 110 -13.47 6.00 10.04
N MET B 111 -14.77 5.99 9.80
CA MET B 111 -15.32 5.62 8.51
C MET B 111 -16.26 6.66 7.93
N THR B 112 -16.45 7.79 8.59
CA THR B 112 -17.32 8.83 8.08
C THR B 112 -16.96 10.16 8.72
N CYS B 113 -17.37 11.24 8.07
CA CYS B 113 -17.21 12.58 8.62
C CYS B 113 -18.21 13.51 7.93
N ALA B 114 -18.43 14.66 8.55
CA ALA B 114 -19.35 15.64 7.99
C ALA B 114 -19.01 17.01 8.54
N TYR B 115 -19.10 18.03 7.68
CA TYR B 115 -18.92 19.42 8.08
C TYR B 115 -20.30 20.06 8.21
N ALA B 116 -20.58 20.60 9.39
CA ALA B 116 -21.92 21.13 9.65
C ALA B 116 -22.19 22.32 8.73
N PRO B 117 -23.42 22.47 8.24
CA PRO B 117 -23.72 23.62 7.36
C PRO B 117 -23.51 24.97 8.02
N SER B 118 -23.78 25.10 9.31
CA SER B 118 -23.54 26.36 9.99
C SER B 118 -22.06 26.65 10.18
N GLY B 119 -21.20 25.64 10.01
CA GLY B 119 -19.77 25.86 10.04
C GLY B 119 -19.14 25.89 11.41
N ASN B 120 -19.91 25.61 12.47
CA ASN B 120 -19.36 25.60 13.83
C ASN B 120 -19.11 24.20 14.37
N TYR B 121 -19.81 23.19 13.87
CA TYR B 121 -19.75 21.84 14.42
C TYR B 121 -19.15 20.89 13.38
N VAL B 122 -18.58 19.80 13.87
CA VAL B 122 -18.08 18.72 13.03
C VAL B 122 -18.57 17.40 13.60
N ALA B 123 -18.69 16.40 12.74
CA ALA B 123 -19.15 15.07 13.14
C ALA B 123 -18.12 14.03 12.73
N CYS B 124 -17.91 13.04 13.61
CA CYS B 124 -16.99 11.95 13.35
C CYS B 124 -17.58 10.65 13.85
N GLY B 125 -17.16 9.54 13.24
CA GLY B 125 -17.66 8.24 13.63
C GLY B 125 -16.88 7.13 12.96
N GLY B 126 -16.96 5.95 13.59
CA GLY B 126 -16.25 4.80 13.07
C GLY B 126 -16.74 3.47 13.62
N LEU B 127 -15.82 2.54 13.85
CA LEU B 127 -16.19 1.23 14.35
C LEU B 127 -16.60 1.24 15.81
N ASP B 128 -16.40 2.35 16.52
CA ASP B 128 -16.76 2.42 17.92
C ASP B 128 -18.26 2.64 18.15
N ASN B 129 -19.07 2.56 17.09
CA ASN B 129 -20.51 2.80 17.12
C ASN B 129 -20.89 3.94 18.06
N ILE B 130 -20.33 5.13 17.82
CA ILE B 130 -20.63 6.31 18.61
C ILE B 130 -20.29 7.53 17.77
N CYS B 131 -21.19 8.50 17.76
CA CYS B 131 -21.06 9.69 16.94
C CYS B 131 -20.52 10.84 17.79
N SER B 132 -19.35 11.36 17.44
CA SER B 132 -18.70 12.40 18.20
C SER B 132 -18.92 13.74 17.49
N ILE B 133 -19.54 14.68 18.19
CA ILE B 133 -19.81 16.01 17.67
C ILE B 133 -18.83 16.97 18.34
N TYR B 134 -18.03 17.65 17.53
CA TYR B 134 -16.96 18.53 17.99
C TYR B 134 -17.32 19.98 17.73
N ASN B 135 -17.10 20.83 18.72
CA ASN B 135 -17.22 22.27 18.59
C ASN B 135 -15.95 22.84 17.96
N LEU B 136 -16.07 24.04 17.38
CA LEU B 136 -14.94 24.73 16.78
C LEU B 136 -14.78 26.18 17.21
N LYS B 137 -15.81 26.82 17.74
CA LYS B 137 -15.70 28.23 18.13
C LYS B 137 -15.85 28.40 19.63
N ASN B 142 -10.55 27.09 22.11
CA ASN B 142 -10.01 25.74 22.02
C ASN B 142 -11.07 24.77 21.52
N VAL B 143 -10.62 23.66 20.93
CA VAL B 143 -11.51 22.65 20.38
C VAL B 143 -11.75 21.58 21.42
N ARG B 144 -13.02 21.24 21.64
CA ARG B 144 -13.41 20.23 22.63
C ARG B 144 -14.39 19.28 21.97
N VAL B 145 -15.00 18.42 22.78
CA VAL B 145 -16.03 17.50 22.32
C VAL B 145 -17.38 18.08 22.72
N SER B 146 -18.16 18.51 21.72
CA SER B 146 -19.46 19.10 22.03
C SER B 146 -20.42 18.06 22.59
N ARG B 147 -20.40 16.84 22.06
CA ARG B 147 -21.28 15.79 22.56
C ARG B 147 -20.84 14.45 22.01
N GLU B 148 -21.20 13.39 22.72
CA GLU B 148 -21.05 12.02 22.25
C GLU B 148 -22.41 11.34 22.24
N LEU B 149 -22.78 10.77 21.11
CA LEU B 149 -24.06 10.09 20.93
C LEU B 149 -23.79 8.59 20.85
N ALA B 150 -24.29 7.85 21.84
CA ALA B 150 -24.11 6.40 21.92
C ALA B 150 -25.43 5.74 21.56
N GLY B 151 -25.56 5.31 20.32
CA GLY B 151 -26.81 4.77 19.82
C GLY B 151 -26.78 3.31 19.43
N HIS B 152 -26.57 3.08 18.13
CA HIS B 152 -26.75 1.76 17.56
C HIS B 152 -25.76 0.76 18.14
N THR B 153 -26.12 -0.52 18.01
CA THR B 153 -25.25 -1.62 18.41
C THR B 153 -24.44 -2.16 17.23
N GLY B 154 -24.13 -1.33 16.25
CA GLY B 154 -23.39 -1.78 15.09
C GLY B 154 -22.11 -1.02 14.84
N TYR B 155 -22.02 -0.39 13.67
CA TYR B 155 -20.86 0.43 13.32
C TYR B 155 -21.33 1.47 12.31
N LEU B 156 -21.00 2.73 12.55
CA LEU B 156 -21.49 3.80 11.68
C LEU B 156 -20.82 3.72 10.32
N SER B 157 -21.58 4.10 9.29
CA SER B 157 -21.06 4.09 7.93
C SER B 157 -21.10 5.44 7.24
N CYS B 158 -22.08 6.29 7.57
CA CYS B 158 -22.17 7.62 6.97
C CYS B 158 -23.08 8.48 7.82
N CYS B 159 -22.61 9.66 8.20
CA CYS B 159 -23.37 10.60 9.00
C CYS B 159 -23.48 11.93 8.25
N ARG B 160 -24.69 12.45 8.17
CA ARG B 160 -24.96 13.72 7.50
C ARG B 160 -25.69 14.66 8.44
N PHE B 161 -25.42 15.96 8.28
CA PHE B 161 -25.99 16.98 9.13
C PHE B 161 -27.28 17.55 8.53
N LEU B 162 -28.16 18.00 9.41
CA LEU B 162 -29.32 18.80 9.01
C LEU B 162 -29.21 20.22 9.54
N ASP B 163 -29.07 20.38 10.84
CA ASP B 163 -28.88 21.68 11.48
C ASP B 163 -27.90 21.49 12.64
N ASP B 164 -27.82 22.49 13.51
CA ASP B 164 -26.98 22.38 14.69
C ASP B 164 -27.65 21.64 15.84
N ASN B 165 -28.90 21.22 15.67
CA ASN B 165 -29.61 20.48 16.72
C ASN B 165 -30.08 19.10 16.28
N GLN B 166 -29.88 18.72 15.01
CA GLN B 166 -30.29 17.42 14.52
C GLN B 166 -29.17 16.81 13.70
N ILE B 167 -29.18 15.48 13.60
CA ILE B 167 -28.24 14.77 12.73
C ILE B 167 -28.86 13.44 12.33
N VAL B 168 -28.53 12.97 11.14
CA VAL B 168 -29.04 11.71 10.61
C VAL B 168 -27.85 10.77 10.42
N THR B 169 -27.91 9.59 11.03
CA THR B 169 -26.81 8.65 10.98
C THR B 169 -27.30 7.28 10.51
N SER B 170 -26.41 6.56 9.83
CA SER B 170 -26.70 5.22 9.32
C SER B 170 -25.67 4.25 9.89
N SER B 171 -26.15 3.15 10.46
CA SER B 171 -25.28 2.19 11.12
C SER B 171 -25.28 0.87 10.36
N GLY B 172 -24.58 -0.11 10.93
CA GLY B 172 -24.46 -1.44 10.39
C GLY B 172 -25.44 -2.45 10.94
N ASP B 173 -26.41 -2.03 11.76
CA ASP B 173 -27.44 -2.91 12.28
C ASP B 173 -28.78 -2.67 11.58
N THR B 174 -28.71 -2.31 10.30
CA THR B 174 -29.90 -2.03 9.49
C THR B 174 -30.76 -0.93 10.13
N THR B 175 -30.11 0.16 10.52
CA THR B 175 -30.78 1.22 11.25
C THR B 175 -30.29 2.59 10.77
N CYS B 176 -31.24 3.52 10.67
CA CYS B 176 -30.94 4.93 10.40
C CYS B 176 -31.64 5.77 11.44
N ALA B 177 -30.88 6.51 12.24
CA ALA B 177 -31.43 7.24 13.38
C ALA B 177 -31.35 8.74 13.19
N LEU B 178 -32.38 9.44 13.66
CA LEU B 178 -32.38 10.90 13.75
C LEU B 178 -32.14 11.29 15.19
N TRP B 179 -31.12 12.13 15.41
CA TRP B 179 -30.68 12.52 16.74
C TRP B 179 -30.92 14.00 16.97
N ASP B 180 -31.36 14.32 18.18
CA ASP B 180 -31.43 15.69 18.69
C ASP B 180 -30.24 15.89 19.62
N ILE B 181 -29.40 16.88 19.31
CA ILE B 181 -28.11 17.01 19.97
C ILE B 181 -28.27 17.42 21.43
N GLU B 182 -29.18 18.37 21.71
CA GLU B 182 -29.26 18.94 23.05
C GLU B 182 -29.63 17.88 24.09
N THR B 183 -30.59 17.01 23.77
CA THR B 183 -31.00 15.96 24.69
C THR B 183 -30.24 14.65 24.48
N GLY B 184 -29.62 14.46 23.32
CA GLY B 184 -28.86 13.25 23.05
C GLY B 184 -29.68 11.98 23.05
N GLN B 185 -30.85 12.01 22.41
CA GLN B 185 -31.73 10.86 22.38
C GLN B 185 -32.18 10.59 20.95
N GLN B 186 -32.47 9.32 20.67
CA GLN B 186 -33.01 8.94 19.37
C GLN B 186 -34.44 9.45 19.26
N THR B 187 -34.65 10.51 18.50
CA THR B 187 -36.00 11.02 18.29
C THR B 187 -36.80 10.14 17.35
N THR B 188 -36.15 9.53 16.35
CA THR B 188 -36.84 8.63 15.44
C THR B 188 -35.84 7.63 14.89
N THR B 189 -36.32 6.40 14.66
CA THR B 189 -35.50 5.33 14.13
C THR B 189 -36.16 4.76 12.87
N PHE B 190 -35.32 4.35 11.92
CA PHE B 190 -35.77 3.87 10.62
C PHE B 190 -35.18 2.49 10.39
N THR B 191 -36.06 1.51 10.16
CA THR B 191 -35.70 0.12 9.92
C THR B 191 -36.44 -0.37 8.69
N GLY B 192 -35.98 -1.49 8.15
CA GLY B 192 -36.58 -2.04 6.94
C GLY B 192 -35.58 -2.69 6.01
N HIS B 193 -34.30 -2.55 6.30
CA HIS B 193 -33.26 -3.21 5.51
C HIS B 193 -32.90 -4.54 6.14
N THR B 194 -32.48 -5.48 5.30
CA THR B 194 -32.00 -6.78 5.74
C THR B 194 -30.49 -6.85 5.79
N GLY B 195 -29.80 -5.72 5.59
CA GLY B 195 -28.36 -5.67 5.63
C GLY B 195 -27.90 -4.30 6.04
N ASP B 196 -26.61 -4.18 6.32
CA ASP B 196 -26.05 -2.94 6.82
C ASP B 196 -26.16 -1.84 5.76
N VAL B 197 -26.52 -0.64 6.21
CA VAL B 197 -26.64 0.51 5.33
C VAL B 197 -25.25 1.08 5.08
N MET B 198 -24.92 1.30 3.81
CA MET B 198 -23.57 1.72 3.45
C MET B 198 -23.40 3.23 3.46
N SER B 199 -24.33 3.96 2.83
CA SER B 199 -24.22 5.42 2.78
C SER B 199 -25.59 6.01 2.50
N LEU B 200 -25.74 7.28 2.86
CA LEU B 200 -26.96 8.02 2.60
C LEU B 200 -26.63 9.41 2.08
N SER B 201 -27.54 9.99 1.31
CA SER B 201 -27.38 11.33 0.77
C SER B 201 -28.71 12.06 0.88
N LEU B 202 -28.72 13.17 1.62
CA LEU B 202 -29.95 13.93 1.81
C LEU B 202 -30.34 14.65 0.54
N ALA B 203 -31.64 14.72 0.28
CA ALA B 203 -32.15 15.54 -0.80
C ALA B 203 -31.98 17.02 -0.46
N PRO B 204 -31.88 17.89 -1.46
CA PRO B 204 -31.67 19.31 -1.17
C PRO B 204 -32.94 20.02 -0.73
N ASP B 205 -33.70 19.37 0.15
CA ASP B 205 -34.87 19.99 0.76
C ASP B 205 -35.01 19.67 2.23
N THR B 206 -34.13 18.83 2.80
CA THR B 206 -34.21 18.41 4.19
C THR B 206 -35.58 17.86 4.53
N ARG B 207 -36.13 17.06 3.63
CA ARG B 207 -37.44 16.45 3.85
C ARG B 207 -37.40 14.94 3.62
N LEU B 208 -36.52 14.50 2.72
CA LEU B 208 -36.41 13.08 2.39
C LEU B 208 -34.93 12.73 2.24
N PHE B 209 -34.64 11.44 2.34
CA PHE B 209 -33.28 10.97 2.09
C PHE B 209 -33.31 9.52 1.64
N VAL B 210 -32.41 9.18 0.74
CA VAL B 210 -32.28 7.82 0.23
C VAL B 210 -31.15 7.12 0.96
N SER B 211 -31.28 5.80 1.09
CA SER B 211 -30.28 4.99 1.77
C SER B 211 -30.12 3.67 1.03
N GLY B 212 -28.89 3.27 0.81
CA GLY B 212 -28.57 2.02 0.13
C GLY B 212 -28.02 1.00 1.11
N ALA B 213 -28.44 -0.25 0.97
CA ALA B 213 -28.04 -1.31 1.88
C ALA B 213 -27.21 -2.35 1.14
N CYS B 214 -26.70 -3.31 1.90
CA CYS B 214 -25.92 -4.41 1.35
C CYS B 214 -26.79 -5.62 1.02
N ASP B 215 -27.87 -5.37 0.28
CA ASP B 215 -28.70 -6.45 -0.24
C ASP B 215 -29.18 -6.13 -1.64
N ALA B 216 -28.44 -5.30 -2.38
CA ALA B 216 -28.82 -4.82 -3.69
C ALA B 216 -30.18 -4.11 -3.63
N SER B 217 -30.30 -3.17 -2.69
CA SER B 217 -31.53 -2.43 -2.52
C SER B 217 -31.24 -1.01 -2.04
N ALA B 218 -32.10 -0.09 -2.47
CA ALA B 218 -32.11 1.28 -1.98
C ALA B 218 -33.54 1.64 -1.59
N LYS B 219 -33.68 2.51 -0.60
CA LYS B 219 -34.99 2.92 -0.13
C LYS B 219 -35.03 4.42 0.10
N LEU B 220 -36.23 4.98 0.01
CA LEU B 220 -36.45 6.40 0.27
C LEU B 220 -37.19 6.57 1.58
N TRP B 221 -36.68 7.44 2.46
CA TRP B 221 -37.24 7.65 3.78
C TRP B 221 -37.63 9.12 3.95
N ASP B 222 -38.69 9.32 4.73
CA ASP B 222 -39.19 10.64 5.08
C ASP B 222 -38.75 10.99 6.49
N VAL B 223 -38.11 12.16 6.64
CA VAL B 223 -37.57 12.55 7.94
C VAL B 223 -38.69 12.83 8.93
N ARG B 224 -39.74 13.53 8.48
CA ARG B 224 -40.77 13.99 9.41
C ARG B 224 -41.70 12.84 9.82
N GLU B 225 -42.39 12.25 8.86
CA GLU B 225 -43.33 11.17 9.19
C GLU B 225 -42.60 9.95 9.75
N GLY B 226 -41.48 9.58 9.15
CA GLY B 226 -40.72 8.44 9.60
C GLY B 226 -41.07 7.12 8.95
N MET B 227 -41.79 7.14 7.83
CA MET B 227 -42.25 5.92 7.18
C MET B 227 -41.60 5.79 5.81
N CYS B 228 -41.12 4.59 5.50
CA CYS B 228 -40.57 4.31 4.18
C CYS B 228 -41.68 4.31 3.13
N ARG B 229 -41.34 4.77 1.93
CA ARG B 229 -42.30 4.87 0.84
C ARG B 229 -41.95 3.98 -0.35
N GLN B 230 -40.73 4.07 -0.86
CA GLN B 230 -40.37 3.38 -2.09
C GLN B 230 -39.05 2.65 -1.94
N THR B 231 -38.92 1.54 -2.67
CA THR B 231 -37.70 0.76 -2.74
C THR B 231 -37.33 0.49 -4.19
N PHE B 232 -36.04 0.34 -4.45
CA PHE B 232 -35.52 0.09 -5.79
C PHE B 232 -34.49 -1.01 -5.71
N THR B 233 -34.64 -2.01 -6.57
CA THR B 233 -33.75 -3.18 -6.60
C THR B 233 -33.47 -3.51 -8.07
N GLY B 234 -32.29 -3.11 -8.54
CA GLY B 234 -31.90 -3.44 -9.91
C GLY B 234 -30.49 -3.96 -10.00
N HIS B 235 -29.73 -3.84 -8.93
CA HIS B 235 -28.33 -4.22 -8.92
C HIS B 235 -28.20 -5.72 -8.64
N GLU B 236 -26.95 -6.18 -8.51
CA GLU B 236 -26.66 -7.59 -8.24
C GLU B 236 -25.66 -7.77 -7.11
N SER B 237 -25.22 -6.70 -6.47
CA SER B 237 -24.26 -6.79 -5.37
C SER B 237 -24.53 -5.63 -4.42
N ASP B 238 -23.58 -5.36 -3.53
CA ASP B 238 -23.77 -4.33 -2.51
C ASP B 238 -23.78 -2.94 -3.15
N ILE B 239 -24.60 -2.05 -2.60
CA ILE B 239 -24.66 -0.66 -3.03
C ILE B 239 -23.72 0.13 -2.13
N ASN B 240 -22.51 0.41 -2.62
CA ASN B 240 -21.50 1.04 -1.79
C ASN B 240 -21.81 2.50 -1.51
N ALA B 241 -22.21 3.25 -2.54
CA ALA B 241 -22.46 4.68 -2.38
C ALA B 241 -23.68 5.07 -3.19
N ILE B 242 -24.33 6.14 -2.75
CA ILE B 242 -25.54 6.64 -3.40
C ILE B 242 -25.57 8.17 -3.28
N CYS B 243 -25.86 8.84 -4.38
CA CYS B 243 -25.88 10.30 -4.44
C CYS B 243 -27.16 10.76 -5.13
N PHE B 244 -27.58 11.97 -4.82
CA PHE B 244 -28.86 12.50 -5.27
C PHE B 244 -28.66 13.49 -6.42
N PHE B 245 -29.49 13.35 -7.45
CA PHE B 245 -29.47 14.28 -8.56
C PHE B 245 -29.83 15.68 -8.06
N PRO B 246 -29.18 16.73 -8.55
CA PRO B 246 -29.43 18.08 -8.01
C PRO B 246 -30.88 18.52 -8.14
N ASN B 247 -31.59 18.03 -9.16
CA ASN B 247 -33.00 18.38 -9.32
C ASN B 247 -33.80 17.90 -8.11
N GLY B 248 -33.53 16.69 -7.64
CA GLY B 248 -34.29 16.09 -6.57
C GLY B 248 -35.26 15.01 -7.00
N ASN B 249 -35.28 14.64 -8.28
CA ASN B 249 -36.19 13.62 -8.79
C ASN B 249 -35.45 12.38 -9.28
N ALA B 250 -34.18 12.21 -8.93
CA ALA B 250 -33.43 11.03 -9.32
C ALA B 250 -32.25 10.87 -8.38
N PHE B 251 -31.69 9.66 -8.37
CA PHE B 251 -30.46 9.43 -7.63
C PHE B 251 -29.63 8.36 -8.31
N ALA B 252 -28.33 8.40 -8.07
CA ALA B 252 -27.38 7.49 -8.69
C ALA B 252 -26.82 6.53 -7.64
N THR B 253 -26.66 5.27 -8.04
CA THR B 253 -26.18 4.24 -7.14
C THR B 253 -24.99 3.53 -7.75
N GLY B 254 -23.99 3.25 -6.93
CA GLY B 254 -22.81 2.52 -7.36
C GLY B 254 -22.74 1.19 -6.63
N SER B 255 -22.50 0.12 -7.40
CA SER B 255 -22.49 -1.22 -6.82
C SER B 255 -21.17 -1.93 -7.07
N ASP B 256 -21.06 -3.16 -6.57
CA ASP B 256 -19.86 -3.98 -6.78
C ASP B 256 -19.95 -4.83 -8.03
N ASP B 257 -21.02 -4.69 -8.81
CA ASP B 257 -21.18 -5.41 -10.06
C ASP B 257 -20.48 -4.73 -11.23
N ALA B 258 -19.52 -3.85 -10.94
CA ALA B 258 -18.82 -3.09 -11.97
C ALA B 258 -19.79 -2.28 -12.83
N THR B 259 -20.83 -1.73 -12.18
CA THR B 259 -21.85 -0.95 -12.86
C THR B 259 -22.26 0.21 -11.97
N CYS B 260 -22.82 1.24 -12.61
CA CYS B 260 -23.51 2.30 -11.89
C CYS B 260 -24.89 2.47 -12.50
N ARG B 261 -25.82 3.03 -11.75
CA ARG B 261 -27.20 3.10 -12.23
C ARG B 261 -27.84 4.40 -11.81
N LEU B 262 -28.86 4.80 -12.59
CA LEU B 262 -29.67 5.98 -12.29
C LEU B 262 -31.10 5.55 -12.05
N PHE B 263 -31.71 6.04 -10.97
CA PHE B 263 -33.07 5.69 -10.58
C PHE B 263 -33.92 6.94 -10.48
N ASP B 264 -35.15 6.84 -10.97
CA ASP B 264 -36.14 7.90 -10.92
C ASP B 264 -37.09 7.69 -9.75
N LEU B 265 -37.61 8.80 -9.22
CA LEU B 265 -38.54 8.74 -8.10
C LEU B 265 -39.98 8.66 -8.58
N ARG B 266 -40.40 9.62 -9.40
CA ARG B 266 -41.77 9.62 -9.91
C ARG B 266 -42.04 8.40 -10.79
N ALA B 267 -41.07 8.02 -11.64
CA ALA B 267 -41.24 6.85 -12.47
C ALA B 267 -41.17 5.56 -11.65
N ASP B 268 -40.34 5.54 -10.60
CA ASP B 268 -40.18 4.38 -9.73
C ASP B 268 -39.68 3.16 -10.50
N GLN B 269 -38.68 3.37 -11.36
CA GLN B 269 -38.07 2.31 -12.14
C GLN B 269 -36.57 2.54 -12.18
N GLU B 270 -35.90 1.85 -13.09
CA GLU B 270 -34.48 2.06 -13.37
C GLU B 270 -34.36 2.69 -14.75
N LEU B 271 -33.60 3.79 -14.83
CA LEU B 271 -33.52 4.55 -16.07
C LEU B 271 -32.35 4.10 -16.95
N MET B 272 -31.13 4.20 -16.44
CA MET B 272 -29.95 3.86 -17.22
C MET B 272 -28.93 3.13 -16.36
N THR B 273 -28.17 2.27 -17.03
CA THR B 273 -27.09 1.50 -16.41
C THR B 273 -25.80 1.75 -17.17
N TYR B 274 -24.80 2.25 -16.47
CA TYR B 274 -23.49 2.54 -17.04
C TYR B 274 -22.56 1.38 -16.71
N SER B 275 -22.00 0.76 -17.75
CA SER B 275 -21.10 -0.37 -17.60
C SER B 275 -20.20 -0.46 -18.82
N HIS B 276 -19.08 -1.14 -18.64
CA HIS B 276 -18.10 -1.34 -19.71
C HIS B 276 -17.64 -2.79 -19.71
N ASP B 277 -17.23 -3.27 -20.88
CA ASP B 277 -16.80 -4.66 -21.01
C ASP B 277 -15.52 -4.92 -20.24
N ASN B 278 -14.55 -4.00 -20.32
CA ASN B 278 -13.26 -4.23 -19.69
C ASN B 278 -13.32 -4.05 -18.18
N ILE B 279 -14.17 -3.15 -17.70
CA ILE B 279 -14.21 -2.85 -16.27
C ILE B 279 -14.76 -4.05 -15.51
N ILE B 280 -13.96 -4.62 -14.63
CA ILE B 280 -14.37 -5.77 -13.83
C ILE B 280 -14.09 -5.49 -12.36
N CYS B 281 -14.00 -4.22 -12.00
CA CYS B 281 -13.73 -3.81 -10.63
C CYS B 281 -14.94 -3.12 -10.04
N GLY B 282 -14.96 -3.02 -8.71
CA GLY B 282 -16.08 -2.41 -8.03
C GLY B 282 -16.06 -0.89 -8.10
N ILE B 283 -17.15 -0.30 -7.62
CA ILE B 283 -17.32 1.14 -7.56
C ILE B 283 -17.42 1.54 -6.10
N THR B 284 -16.66 2.55 -5.70
CA THR B 284 -16.59 2.97 -4.30
C THR B 284 -17.51 4.14 -3.99
N SER B 285 -17.37 5.25 -4.72
CA SER B 285 -18.18 6.43 -4.45
C SER B 285 -18.60 7.07 -5.76
N VAL B 286 -19.76 7.74 -5.74
CA VAL B 286 -20.29 8.45 -6.90
C VAL B 286 -20.73 9.83 -6.45
N SER B 287 -20.30 10.86 -7.18
CA SER B 287 -20.67 12.24 -6.90
C SER B 287 -21.09 12.91 -8.19
N PHE B 288 -22.20 13.64 -8.14
CA PHE B 288 -22.74 14.33 -9.30
C PHE B 288 -22.12 15.73 -9.42
N SER B 289 -22.26 16.31 -10.60
CA SER B 289 -21.85 17.68 -10.86
C SER B 289 -23.03 18.62 -10.68
N LYS B 290 -22.74 19.92 -10.65
CA LYS B 290 -23.79 20.90 -10.40
C LYS B 290 -24.77 20.97 -11.56
N SER B 291 -24.31 20.80 -12.79
CA SER B 291 -25.21 20.87 -13.95
C SER B 291 -26.08 19.62 -14.04
N GLY B 292 -25.54 18.46 -13.71
CA GLY B 292 -26.25 17.21 -13.85
C GLY B 292 -25.92 16.42 -15.10
N ARG B 293 -24.86 16.79 -15.83
CA ARG B 293 -24.48 16.09 -17.04
C ARG B 293 -23.36 15.08 -16.83
N LEU B 294 -22.63 15.17 -15.72
CA LEU B 294 -21.50 14.29 -15.47
C LEU B 294 -21.71 13.52 -14.17
N LEU B 295 -21.31 12.26 -14.18
CA LEU B 295 -21.31 11.41 -12.98
C LEU B 295 -19.89 10.91 -12.79
N LEU B 296 -19.25 11.32 -11.70
CA LEU B 296 -17.87 10.92 -11.42
C LEU B 296 -17.90 9.72 -10.50
N ALA B 297 -17.37 8.59 -10.97
CA ALA B 297 -17.39 7.35 -10.23
C ALA B 297 -15.95 6.91 -9.95
N GLY B 298 -15.66 6.64 -8.68
CA GLY B 298 -14.36 6.11 -8.30
C GLY B 298 -14.38 4.60 -8.34
N TYR B 299 -13.35 4.02 -8.95
CA TYR B 299 -13.27 2.59 -9.14
C TYR B 299 -12.19 1.99 -8.25
N ASP B 300 -12.11 0.66 -8.29
CA ASP B 300 -11.09 -0.07 -7.55
C ASP B 300 -9.84 -0.35 -8.37
N ASP B 301 -9.81 0.07 -9.63
CA ASP B 301 -8.61 -0.02 -10.46
C ASP B 301 -7.72 1.20 -10.29
N PHE B 302 -7.84 1.91 -9.18
CA PHE B 302 -6.99 3.04 -8.81
C PHE B 302 -7.21 4.26 -9.68
N ASN B 303 -8.29 4.30 -10.45
CA ASN B 303 -8.59 5.44 -11.31
C ASN B 303 -10.07 5.76 -11.25
N CYS B 304 -10.40 7.02 -11.53
CA CYS B 304 -11.78 7.49 -11.54
C CYS B 304 -12.23 7.70 -12.98
N ASN B 305 -13.52 7.51 -13.22
CA ASN B 305 -14.09 7.67 -14.55
C ASN B 305 -15.25 8.65 -14.50
N VAL B 306 -15.26 9.59 -15.43
CA VAL B 306 -16.36 10.54 -15.58
C VAL B 306 -17.27 10.02 -16.68
N TRP B 307 -18.50 9.73 -16.31
CA TRP B 307 -19.51 9.14 -17.18
C TRP B 307 -20.50 10.20 -17.63
N ASP B 308 -20.93 10.10 -18.88
CA ASP B 308 -22.03 10.91 -19.37
C ASP B 308 -23.32 10.53 -18.65
N ALA B 309 -24.07 11.55 -18.22
CA ALA B 309 -25.29 11.30 -17.46
C ALA B 309 -26.51 11.08 -18.33
N LEU B 310 -26.39 11.21 -19.64
CA LEU B 310 -27.53 11.01 -20.54
C LEU B 310 -27.21 10.19 -21.78
N LYS B 311 -25.93 9.97 -22.11
CA LYS B 311 -25.56 9.18 -23.27
C LYS B 311 -25.00 7.81 -22.91
N ALA B 312 -24.64 7.58 -21.65
CA ALA B 312 -24.14 6.29 -21.18
C ALA B 312 -22.85 5.89 -21.89
N ASP B 313 -22.08 6.87 -22.35
CA ASP B 313 -20.80 6.64 -23.00
C ASP B 313 -19.70 7.29 -22.18
N ARG B 314 -18.54 6.63 -22.12
CA ARG B 314 -17.44 7.12 -21.31
C ARG B 314 -17.02 8.51 -21.76
N ALA B 315 -16.89 9.43 -20.80
CA ALA B 315 -16.50 10.80 -21.08
C ALA B 315 -15.05 11.08 -20.74
N GLY B 316 -14.55 10.57 -19.62
CA GLY B 316 -13.17 10.85 -19.28
C GLY B 316 -12.62 9.89 -18.25
N VAL B 317 -11.29 9.89 -18.14
CA VAL B 317 -10.58 9.06 -17.17
C VAL B 317 -9.56 9.91 -16.44
N LEU B 318 -9.58 9.83 -15.11
CA LEU B 318 -8.59 10.50 -14.26
C LEU B 318 -7.77 9.42 -13.56
N ALA B 319 -6.44 9.52 -13.70
CA ALA B 319 -5.52 8.60 -13.06
C ALA B 319 -4.48 9.39 -12.29
N GLY B 320 -3.81 8.71 -11.37
CA GLY B 320 -2.79 9.35 -10.56
C GLY B 320 -2.72 8.85 -9.14
N HIS B 321 -3.66 8.00 -8.75
CA HIS B 321 -3.70 7.42 -7.41
C HIS B 321 -3.09 6.03 -7.43
N ASP B 322 -2.18 5.76 -6.50
CA ASP B 322 -1.53 4.45 -6.46
C ASP B 322 -2.49 3.37 -5.96
N ASN B 323 -3.24 3.65 -4.90
CA ASN B 323 -4.15 2.68 -4.29
C ASN B 323 -5.59 3.05 -4.62
N ARG B 324 -6.51 2.24 -4.10
CA ARG B 324 -7.92 2.40 -4.44
C ARG B 324 -8.46 3.75 -3.96
N VAL B 325 -9.39 4.28 -4.72
CA VAL B 325 -10.03 5.55 -4.37
C VAL B 325 -11.10 5.28 -3.32
N SER B 326 -10.96 5.93 -2.16
CA SER B 326 -11.85 5.67 -1.04
C SER B 326 -13.04 6.62 -0.99
N CYS B 327 -12.86 7.89 -1.36
CA CYS B 327 -13.94 8.85 -1.23
C CYS B 327 -13.82 9.91 -2.31
N LEU B 328 -14.96 10.54 -2.62
CA LEU B 328 -15.05 11.54 -3.66
C LEU B 328 -16.00 12.64 -3.21
N GLY B 329 -15.72 13.86 -3.66
CA GLY B 329 -16.57 15.00 -3.29
C GLY B 329 -16.53 16.07 -4.35
N VAL B 330 -17.64 16.79 -4.48
CA VAL B 330 -17.78 17.89 -5.42
C VAL B 330 -18.42 19.06 -4.69
N THR B 331 -17.86 20.25 -4.85
CA THR B 331 -18.30 21.40 -4.09
C THR B 331 -19.65 21.90 -4.60
N ASP B 332 -20.26 22.78 -3.80
CA ASP B 332 -21.55 23.36 -4.18
C ASP B 332 -21.42 24.24 -5.41
N ASP B 333 -20.36 25.06 -5.46
CA ASP B 333 -20.13 25.94 -6.60
C ASP B 333 -19.71 25.18 -7.85
N GLY B 334 -19.38 23.90 -7.73
CA GLY B 334 -18.97 23.09 -8.88
C GLY B 334 -17.65 23.51 -9.47
N MET B 335 -16.68 23.87 -8.63
CA MET B 335 -15.38 24.33 -9.11
C MET B 335 -14.28 23.28 -8.98
N ALA B 336 -14.32 22.44 -7.96
CA ALA B 336 -13.26 21.48 -7.70
C ALA B 336 -13.83 20.10 -7.42
N VAL B 337 -13.09 19.08 -7.82
CA VAL B 337 -13.41 17.68 -7.51
C VAL B 337 -12.31 17.14 -6.61
N ALA B 338 -12.69 16.64 -5.44
CA ALA B 338 -11.72 16.16 -4.46
C ALA B 338 -11.80 14.64 -4.38
N THR B 339 -10.64 14.00 -4.56
CA THR B 339 -10.54 12.54 -4.49
C THR B 339 -9.62 12.16 -3.33
N GLY B 340 -10.03 11.17 -2.56
CA GLY B 340 -9.19 10.65 -1.49
C GLY B 340 -9.01 9.15 -1.59
N SER B 341 -7.78 8.71 -1.83
CA SER B 341 -7.45 7.31 -1.97
C SER B 341 -6.92 6.76 -0.65
N TRP B 342 -6.41 5.53 -0.69
CA TRP B 342 -5.81 4.91 0.48
C TRP B 342 -4.32 5.20 0.60
N ASP B 343 -3.76 6.00 -0.30
CA ASP B 343 -2.37 6.43 -0.23
C ASP B 343 -2.20 7.70 0.60
N SER B 344 -3.25 8.14 1.30
CA SER B 344 -3.21 9.28 2.21
C SER B 344 -2.92 10.59 1.49
N PHE B 345 -3.28 10.66 0.20
CA PHE B 345 -3.07 11.87 -0.60
C PHE B 345 -4.40 12.33 -1.16
N LEU B 346 -4.94 13.42 -0.61
CA LEU B 346 -6.06 14.08 -1.25
C LEU B 346 -5.59 14.78 -2.52
N LYS B 347 -6.43 14.73 -3.56
CA LYS B 347 -6.12 15.40 -4.81
C LYS B 347 -7.30 16.23 -5.27
N ILE B 348 -6.99 17.43 -5.79
CA ILE B 348 -8.00 18.36 -6.28
C ILE B 348 -7.86 18.44 -7.79
N TRP B 349 -8.97 18.30 -8.49
CA TRP B 349 -9.03 18.30 -9.94
C TRP B 349 -9.94 19.42 -10.40
N ASN B 350 -9.52 20.11 -11.47
CA ASN B 350 -10.30 21.20 -12.02
C ASN B 350 -10.09 21.28 -13.53
N ILE C 9 -43.40 -17.11 11.78
CA ILE C 9 -43.23 -15.93 12.62
C ILE C 9 -43.98 -14.75 12.03
N ALA C 10 -44.04 -13.65 12.78
CA ALA C 10 -44.74 -12.45 12.36
C ALA C 10 -43.87 -11.52 11.52
N GLN C 11 -42.60 -11.88 11.30
CA GLN C 11 -41.74 -11.03 10.49
C GLN C 11 -42.26 -10.91 9.07
N ALA C 12 -42.71 -12.02 8.49
CA ALA C 12 -43.26 -12.00 7.13
C ALA C 12 -44.55 -11.20 7.05
N ARG C 13 -45.28 -11.08 8.16
CA ARG C 13 -46.53 -10.31 8.14
C ARG C 13 -46.27 -8.83 7.87
N LYS C 14 -45.22 -8.28 8.47
CA LYS C 14 -44.91 -6.86 8.28
C LYS C 14 -44.49 -6.56 6.85
N LEU C 15 -43.81 -7.51 6.19
CA LEU C 15 -43.34 -7.28 4.82
C LEU C 15 -44.50 -7.06 3.86
N VAL C 16 -45.59 -7.81 4.04
CA VAL C 16 -46.74 -7.68 3.15
C VAL C 16 -47.37 -6.29 3.30
N GLU C 17 -47.37 -5.74 4.52
CA GLU C 17 -47.96 -4.44 4.75
C GLU C 17 -47.25 -3.35 3.94
N GLN C 18 -45.91 -3.36 3.95
CA GLN C 18 -45.17 -2.37 3.17
C GLN C 18 -45.37 -2.57 1.68
N LEU C 19 -45.51 -3.82 1.22
CA LEU C 19 -45.78 -4.05 -0.19
C LEU C 19 -47.14 -3.46 -0.58
N LYS C 20 -48.15 -3.64 0.26
CA LYS C 20 -49.44 -3.02 -0.01
C LYS C 20 -49.33 -1.50 0.00
N MET C 21 -48.55 -0.95 0.93
CA MET C 21 -48.40 0.51 1.01
C MET C 21 -47.73 1.06 -0.24
N GLU C 22 -46.69 0.39 -0.73
CA GLU C 22 -45.94 0.88 -1.88
C GLU C 22 -46.50 0.42 -3.21
N ALA C 23 -47.55 -0.41 -3.21
CA ALA C 23 -48.18 -0.84 -4.44
C ALA C 23 -49.31 0.08 -4.87
N ASN C 24 -49.56 1.16 -4.14
CA ASN C 24 -50.64 2.08 -4.48
C ASN C 24 -50.09 3.50 -4.67
N ILE C 25 -48.98 3.62 -5.38
CA ILE C 25 -48.33 4.89 -5.64
C ILE C 25 -48.52 5.24 -7.11
N ASP C 26 -49.03 6.44 -7.37
CA ASP C 26 -49.20 6.90 -8.75
C ASP C 26 -47.85 7.09 -9.41
N ARG C 27 -47.74 6.64 -10.66
CA ARG C 27 -46.49 6.71 -11.41
C ARG C 27 -46.76 7.35 -12.76
N ILE C 28 -45.73 8.01 -13.29
CA ILE C 28 -45.80 8.66 -14.59
C ILE C 28 -44.94 7.87 -15.58
N LYS C 29 -45.17 8.12 -16.86
CA LYS C 29 -44.44 7.43 -17.90
C LYS C 29 -42.96 7.82 -17.87
N VAL C 30 -42.13 6.90 -18.37
CA VAL C 30 -40.68 7.15 -18.36
C VAL C 30 -40.31 8.26 -19.31
N SER C 31 -41.07 8.42 -20.40
CA SER C 31 -40.74 9.46 -21.38
C SER C 31 -40.82 10.85 -20.76
N LYS C 32 -41.84 11.11 -19.96
CA LYS C 32 -41.99 12.43 -19.35
C LYS C 32 -40.85 12.71 -18.37
N ALA C 33 -40.48 11.73 -17.54
CA ALA C 33 -39.39 11.93 -16.60
C ALA C 33 -38.06 12.14 -17.32
N ALA C 34 -37.82 11.35 -18.37
CA ALA C 34 -36.60 11.52 -19.15
C ALA C 34 -36.57 12.89 -19.81
N ALA C 35 -37.71 13.34 -20.33
CA ALA C 35 -37.76 14.66 -20.95
C ALA C 35 -37.50 15.76 -19.94
N ASP C 36 -38.04 15.64 -18.74
CA ASP C 36 -37.79 16.64 -17.71
C ASP C 36 -36.31 16.68 -17.32
N LEU C 37 -35.70 15.51 -17.15
CA LEU C 37 -34.28 15.47 -16.81
C LEU C 37 -33.43 16.03 -17.95
N MET C 38 -33.77 15.70 -19.19
CA MET C 38 -33.03 16.20 -20.34
C MET C 38 -33.15 17.73 -20.44
N ALA C 39 -34.35 18.26 -20.20
CA ALA C 39 -34.54 19.70 -20.23
C ALA C 39 -33.75 20.39 -19.13
N TYR C 40 -33.74 19.80 -17.93
CA TYR C 40 -32.97 20.40 -16.85
C TYR C 40 -31.48 20.37 -17.14
N CYS C 41 -30.98 19.26 -17.69
CA CYS C 41 -29.56 19.17 -18.03
C CYS C 41 -29.19 20.15 -19.13
N GLU C 42 -30.05 20.30 -20.15
CA GLU C 42 -29.75 21.23 -21.24
C GLU C 42 -29.85 22.68 -20.77
N ALA C 43 -30.75 22.97 -19.84
CA ALA C 43 -30.87 24.32 -19.30
C ALA C 43 -29.69 24.72 -18.44
N HIS C 44 -28.81 23.78 -18.09
CA HIS C 44 -27.58 24.07 -17.38
C HIS C 44 -26.38 23.48 -18.11
N ALA C 45 -26.38 23.59 -19.45
CA ALA C 45 -25.25 23.11 -20.23
C ALA C 45 -24.04 23.99 -20.03
N LYS C 46 -24.16 25.27 -20.39
CA LYS C 46 -23.08 26.25 -20.18
C LYS C 46 -23.26 27.00 -18.86
N GLU C 47 -23.41 26.27 -17.77
CA GLU C 47 -23.61 26.89 -16.46
C GLU C 47 -22.77 26.26 -15.35
N ASP C 48 -21.94 25.27 -15.66
CA ASP C 48 -21.15 24.60 -14.64
C ASP C 48 -19.67 24.65 -15.00
N PRO C 49 -18.80 24.85 -14.03
CA PRO C 49 -17.37 25.01 -14.32
C PRO C 49 -16.61 23.71 -14.53
N LEU C 50 -17.28 22.59 -14.77
CA LEU C 50 -16.58 21.34 -15.07
C LEU C 50 -16.56 21.01 -16.56
N LEU C 51 -17.74 20.89 -17.18
CA LEU C 51 -17.77 20.54 -18.59
C LEU C 51 -17.29 21.70 -19.46
N THR C 52 -17.75 22.90 -19.16
CA THR C 52 -17.25 24.08 -19.87
C THR C 52 -15.92 24.53 -19.28
N PRO C 53 -14.89 24.70 -20.08
CA PRO C 53 -13.58 25.09 -19.53
C PRO C 53 -13.65 26.43 -18.81
N VAL C 54 -12.84 26.54 -17.77
CA VAL C 54 -12.77 27.76 -16.95
C VAL C 54 -11.49 28.51 -17.32
N PRO C 55 -11.57 29.79 -17.66
CA PRO C 55 -10.36 30.56 -17.93
C PRO C 55 -9.51 30.68 -16.67
N ALA C 56 -8.19 30.82 -16.88
CA ALA C 56 -7.25 30.81 -15.77
C ALA C 56 -7.49 31.96 -14.78
N SER C 57 -8.20 33.00 -15.19
CA SER C 57 -8.49 34.12 -14.31
C SER C 57 -9.73 33.91 -13.47
N GLU C 58 -10.48 32.83 -13.68
CA GLU C 58 -11.71 32.57 -12.94
C GLU C 58 -11.58 31.42 -11.95
N ASN C 59 -10.83 30.37 -12.27
CA ASN C 59 -10.67 29.26 -11.36
C ASN C 59 -9.75 29.67 -10.21
N PRO C 60 -10.21 29.62 -8.96
CA PRO C 60 -9.35 30.07 -7.85
C PRO C 60 -8.12 29.19 -7.64
N PHE C 61 -8.15 27.94 -8.09
CA PHE C 61 -7.05 27.02 -7.81
C PHE C 61 -5.82 27.27 -8.68
N ARG C 62 -5.98 27.98 -9.79
CA ARG C 62 -4.88 28.26 -10.71
C ARG C 62 -4.17 26.98 -11.17
N GLN D 1 -35.35 -8.21 -7.73
CA GLN D 1 -34.11 -8.56 -7.06
C GLN D 1 -33.68 -9.98 -7.40
N VAL D 2 -32.65 -10.47 -6.71
CA VAL D 2 -32.15 -11.81 -6.97
C VAL D 2 -33.13 -12.84 -6.40
N GLN D 3 -33.48 -13.82 -7.22
CA GLN D 3 -34.44 -14.85 -6.83
C GLN D 3 -33.81 -16.22 -7.01
N LEU D 4 -33.94 -17.06 -5.99
CA LEU D 4 -33.40 -18.41 -5.99
C LEU D 4 -34.49 -19.36 -5.51
N GLN D 5 -35.07 -20.11 -6.45
CA GLN D 5 -36.17 -21.03 -6.13
C GLN D 5 -35.65 -22.46 -6.08
N GLU D 6 -35.92 -23.15 -4.97
CA GLU D 6 -35.49 -24.53 -4.79
C GLU D 6 -36.66 -25.46 -5.05
N SER D 7 -36.47 -26.41 -5.95
CA SER D 7 -37.49 -27.39 -6.31
C SER D 7 -36.86 -28.78 -6.25
N GLY D 8 -37.37 -29.61 -5.36
CA GLY D 8 -36.86 -30.95 -5.17
C GLY D 8 -36.80 -31.31 -3.69
N GLY D 9 -36.73 -32.60 -3.42
CA GLY D 9 -36.72 -33.11 -2.07
C GLY D 9 -38.08 -33.61 -1.63
N GLY D 10 -38.08 -34.40 -0.57
CA GLY D 10 -39.31 -34.96 -0.04
C GLY D 10 -39.01 -36.12 0.90
N LEU D 11 -40.03 -36.96 1.09
CA LEU D 11 -39.91 -38.12 1.96
C LEU D 11 -39.17 -39.24 1.22
N VAL D 12 -38.06 -39.71 1.80
CA VAL D 12 -37.27 -40.79 1.22
C VAL D 12 -36.71 -41.68 2.31
N GLN D 13 -36.38 -42.91 1.93
CA GLN D 13 -35.79 -43.91 2.78
C GLN D 13 -34.29 -43.98 2.54
N PRO D 14 -33.54 -44.65 3.42
CA PRO D 14 -32.09 -44.75 3.21
C PRO D 14 -31.76 -45.41 1.87
N GLY D 15 -30.70 -44.91 1.23
CA GLY D 15 -30.31 -45.37 -0.08
C GLY D 15 -31.02 -44.70 -1.24
N GLY D 16 -31.92 -43.75 -0.97
CA GLY D 16 -32.65 -43.07 -2.02
C GLY D 16 -31.85 -41.95 -2.67
N SER D 17 -32.46 -41.35 -3.68
CA SER D 17 -31.85 -40.26 -4.43
C SER D 17 -32.84 -39.12 -4.58
N LEU D 18 -32.33 -37.89 -4.45
CA LEU D 18 -33.15 -36.69 -4.60
C LEU D 18 -32.30 -35.60 -5.23
N ARG D 19 -32.74 -35.08 -6.37
CA ARG D 19 -32.11 -33.93 -7.00
C ARG D 19 -32.76 -32.65 -6.54
N LEU D 20 -31.94 -31.66 -6.19
CA LEU D 20 -32.41 -30.36 -5.71
C LEU D 20 -32.08 -29.32 -6.75
N SER D 21 -33.08 -28.87 -7.49
CA SER D 21 -32.90 -27.88 -8.55
C SER D 21 -32.95 -26.47 -7.96
N CYS D 22 -31.93 -25.68 -8.25
CA CYS D 22 -31.82 -24.31 -7.76
C CYS D 22 -31.94 -23.37 -8.95
N ALA D 23 -33.17 -22.97 -9.26
CA ALA D 23 -33.40 -22.04 -10.35
C ALA D 23 -33.00 -20.63 -9.90
N ALA D 24 -32.13 -20.00 -10.68
CA ALA D 24 -31.58 -18.70 -10.35
C ALA D 24 -32.05 -17.67 -11.38
N SER D 25 -32.56 -16.54 -10.90
CA SER D 25 -33.00 -15.47 -11.77
C SER D 25 -32.63 -14.13 -11.16
N GLY D 26 -32.43 -13.14 -12.02
CA GLY D 26 -32.13 -11.79 -11.57
C GLY D 26 -30.68 -11.39 -11.66
N PHE D 27 -29.80 -12.23 -12.20
CA PHE D 27 -28.40 -11.87 -12.38
C PHE D 27 -27.82 -12.69 -13.52
N THR D 28 -26.50 -12.64 -13.65
CA THR D 28 -25.77 -13.48 -14.60
C THR D 28 -25.19 -14.67 -13.83
N PHE D 29 -25.60 -15.88 -14.24
CA PHE D 29 -25.28 -17.08 -13.48
C PHE D 29 -23.92 -17.66 -13.82
N SER D 30 -23.20 -17.07 -14.77
CA SER D 30 -21.96 -17.67 -15.27
C SER D 30 -20.71 -17.12 -14.62
N ASN D 31 -20.82 -16.26 -13.62
CA ASN D 31 -19.66 -15.69 -12.95
C ASN D 31 -19.59 -16.04 -11.47
N TYR D 32 -20.69 -15.86 -10.75
CA TYR D 32 -20.70 -16.06 -9.30
C TYR D 32 -20.57 -17.54 -8.96
N LYS D 33 -19.86 -17.80 -7.86
CA LYS D 33 -19.79 -19.15 -7.33
C LYS D 33 -21.12 -19.54 -6.71
N MET D 34 -21.34 -20.85 -6.58
CA MET D 34 -22.56 -21.37 -5.98
C MET D 34 -22.23 -22.35 -4.86
N ASN D 35 -23.10 -22.38 -3.84
CA ASN D 35 -22.88 -23.22 -2.68
C ASN D 35 -24.22 -23.74 -2.17
N TRP D 36 -24.16 -24.83 -1.41
CA TRP D 36 -25.31 -25.40 -0.73
C TRP D 36 -25.12 -25.28 0.78
N VAL D 37 -26.19 -24.97 1.49
CA VAL D 37 -26.15 -24.78 2.94
C VAL D 37 -27.25 -25.64 3.55
N ARG D 38 -26.92 -26.35 4.62
CA ARG D 38 -27.86 -27.22 5.31
C ARG D 38 -28.17 -26.66 6.69
N GLN D 39 -29.35 -26.97 7.19
CA GLN D 39 -29.76 -26.51 8.52
C GLN D 39 -30.56 -27.61 9.20
N ALA D 40 -29.98 -28.19 10.26
CA ALA D 40 -30.68 -29.14 11.09
C ALA D 40 -31.61 -28.42 12.06
N PRO D 41 -32.71 -29.04 12.47
CA PRO D 41 -33.61 -28.39 13.42
C PRO D 41 -32.92 -28.10 14.74
N GLY D 42 -33.11 -26.90 15.24
CA GLY D 42 -32.46 -26.48 16.49
C GLY D 42 -30.95 -26.46 16.42
N LYS D 43 -30.40 -25.92 15.33
CA LYS D 43 -28.95 -25.89 15.16
C LYS D 43 -28.59 -24.81 14.17
N GLY D 44 -27.30 -24.46 14.15
CA GLY D 44 -26.81 -23.47 13.21
C GLY D 44 -26.65 -24.01 11.81
N LEU D 45 -26.52 -23.10 10.86
CA LEU D 45 -26.36 -23.46 9.46
C LEU D 45 -24.96 -24.02 9.22
N GLU D 46 -24.84 -24.87 8.21
CA GLU D 46 -23.57 -25.52 7.90
C GLU D 46 -23.35 -25.53 6.39
N TRP D 47 -22.08 -25.58 6.01
CA TRP D 47 -21.66 -25.58 4.61
C TRP D 47 -21.51 -27.02 4.10
N VAL D 48 -21.84 -27.21 2.82
CA VAL D 48 -21.89 -28.56 2.27
C VAL D 48 -20.94 -28.72 1.09
N SER D 49 -21.15 -27.96 0.02
CA SER D 49 -20.39 -28.17 -1.20
C SER D 49 -20.06 -26.83 -1.85
N ASP D 50 -19.34 -26.89 -2.97
CA ASP D 50 -18.90 -25.69 -3.64
C ASP D 50 -18.48 -26.04 -5.06
N ILE D 51 -18.78 -25.13 -5.99
CA ILE D 51 -18.38 -25.24 -7.38
C ILE D 51 -17.78 -23.91 -7.82
N SER D 52 -16.74 -23.97 -8.65
CA SER D 52 -15.99 -22.77 -9.01
C SER D 52 -16.75 -21.97 -10.07
N GLN D 53 -16.11 -20.89 -10.52
CA GLN D 53 -16.70 -20.04 -11.55
C GLN D 53 -16.82 -20.78 -12.88
N SER D 54 -15.73 -21.39 -13.33
CA SER D 54 -15.78 -22.14 -14.58
C SER D 54 -16.54 -23.45 -14.41
N GLY D 55 -16.33 -24.15 -13.29
CA GLY D 55 -16.99 -25.41 -13.05
C GLY D 55 -16.03 -26.58 -13.08
N ALA D 56 -14.82 -26.36 -12.59
CA ALA D 56 -13.79 -27.40 -12.54
C ALA D 56 -13.20 -27.62 -11.15
N SER D 57 -13.28 -26.67 -10.24
CA SER D 57 -12.73 -26.81 -8.89
C SER D 57 -13.82 -27.21 -7.90
N ILE D 58 -14.36 -28.41 -8.10
CA ILE D 58 -15.41 -28.92 -7.23
C ILE D 58 -14.85 -29.11 -5.83
N SER D 59 -15.71 -28.99 -4.82
CA SER D 59 -15.30 -29.22 -3.45
C SER D 59 -16.48 -29.69 -2.62
N TYR D 60 -16.22 -30.64 -1.72
CA TYR D 60 -17.22 -31.16 -0.81
C TYR D 60 -16.63 -31.22 0.59
N THR D 61 -17.51 -31.33 1.58
CA THR D 61 -17.05 -31.70 2.90
C THR D 61 -16.86 -33.21 2.98
N GLY D 62 -16.24 -33.66 4.07
CA GLY D 62 -15.93 -35.08 4.19
C GLY D 62 -17.16 -35.95 4.22
N SER D 63 -18.21 -35.50 4.90
CA SER D 63 -19.39 -36.33 5.11
C SER D 63 -20.18 -36.55 3.82
N VAL D 64 -19.96 -35.75 2.79
CA VAL D 64 -20.74 -35.85 1.56
C VAL D 64 -19.92 -36.27 0.35
N LYS D 65 -18.59 -36.17 0.39
CA LYS D 65 -17.79 -36.60 -0.74
C LYS D 65 -17.93 -38.10 -0.96
N GLY D 66 -18.07 -38.49 -2.22
CA GLY D 66 -18.30 -39.88 -2.55
C GLY D 66 -19.75 -40.30 -2.50
N ARG D 67 -20.66 -39.42 -2.10
CA ARG D 67 -22.09 -39.74 -2.09
C ARG D 67 -22.88 -38.67 -2.83
N PHE D 68 -22.40 -37.43 -2.79
CA PHE D 68 -23.09 -36.30 -3.41
C PHE D 68 -22.24 -35.73 -4.54
N THR D 69 -22.91 -35.18 -5.55
CA THR D 69 -22.23 -34.58 -6.70
C THR D 69 -23.03 -33.38 -7.16
N ILE D 70 -22.33 -32.31 -7.54
CA ILE D 70 -22.97 -31.08 -8.00
C ILE D 70 -22.44 -30.75 -9.38
N SER D 71 -23.24 -30.03 -10.16
CA SER D 71 -22.84 -29.59 -11.49
C SER D 71 -23.60 -28.32 -11.85
N ARG D 72 -22.96 -27.47 -12.64
CA ARG D 72 -23.53 -26.21 -13.08
C ARG D 72 -23.67 -26.23 -14.59
N ASP D 73 -24.87 -25.95 -15.09
CA ASP D 73 -25.12 -25.78 -16.52
C ASP D 73 -25.52 -24.33 -16.77
N ASN D 74 -24.77 -23.66 -17.64
CA ASN D 74 -25.03 -22.24 -17.91
C ASN D 74 -26.25 -22.04 -18.80
N ALA D 75 -26.50 -22.97 -19.73
CA ALA D 75 -27.56 -22.77 -20.70
C ALA D 75 -28.92 -22.62 -20.02
N LYS D 76 -29.21 -23.48 -19.05
CA LYS D 76 -30.46 -23.41 -18.31
C LYS D 76 -30.29 -22.79 -16.92
N ASN D 77 -29.07 -22.37 -16.58
CA ASN D 77 -28.74 -21.67 -15.33
C ASN D 77 -29.43 -22.29 -14.11
N THR D 78 -29.12 -23.57 -13.87
CA THR D 78 -29.67 -24.29 -12.73
C THR D 78 -28.59 -25.14 -12.08
N LEU D 79 -28.76 -25.38 -10.79
CA LEU D 79 -27.91 -26.29 -10.03
C LEU D 79 -28.64 -27.61 -9.81
N TYR D 80 -27.87 -28.67 -9.55
CA TYR D 80 -28.42 -30.01 -9.46
C TYR D 80 -28.26 -30.64 -8.08
N LEU D 81 -27.04 -30.74 -7.55
CA LEU D 81 -26.77 -31.45 -6.31
C LEU D 81 -27.38 -32.85 -6.33
N GLN D 82 -26.81 -33.68 -7.19
CA GLN D 82 -27.23 -35.07 -7.27
C GLN D 82 -26.87 -35.79 -5.98
N MET D 83 -27.86 -36.36 -5.31
CA MET D 83 -27.68 -37.00 -4.02
C MET D 83 -27.91 -38.50 -4.13
N ASN D 84 -27.02 -39.28 -3.54
CA ASN D 84 -27.10 -40.73 -3.59
C ASN D 84 -26.65 -41.32 -2.26
N SER D 85 -27.16 -42.51 -1.95
CA SER D 85 -26.81 -43.26 -0.74
C SER D 85 -27.07 -42.43 0.52
N LEU D 86 -28.34 -42.09 0.71
CA LEU D 86 -28.72 -41.25 1.84
C LEU D 86 -28.65 -42.01 3.16
N LYS D 87 -28.49 -41.26 4.23
CA LYS D 87 -28.42 -41.78 5.59
C LYS D 87 -29.44 -41.05 6.45
N PRO D 88 -29.96 -41.71 7.49
CA PRO D 88 -31.09 -41.12 8.24
C PRO D 88 -30.72 -39.91 9.08
N GLU D 89 -29.47 -39.45 8.99
CA GLU D 89 -29.01 -38.28 9.74
C GLU D 89 -28.99 -37.01 8.89
N ASP D 90 -29.48 -37.06 7.66
CA ASP D 90 -29.42 -35.93 6.74
C ASP D 90 -30.69 -35.10 6.73
N THR D 91 -31.66 -35.40 7.59
CA THR D 91 -32.90 -34.63 7.63
C THR D 91 -32.61 -33.19 8.03
N ALA D 92 -32.96 -32.25 7.17
CA ALA D 92 -32.60 -30.84 7.38
C ALA D 92 -33.39 -30.00 6.38
N VAL D 93 -33.07 -28.71 6.34
CA VAL D 93 -33.58 -27.78 5.35
C VAL D 93 -32.39 -27.27 4.53
N TYR D 94 -32.57 -27.20 3.22
CA TYR D 94 -31.50 -26.87 2.29
C TYR D 94 -31.74 -25.52 1.64
N TYR D 95 -30.68 -24.72 1.58
CA TYR D 95 -30.66 -23.43 0.90
C TYR D 95 -29.57 -23.45 -0.15
N CYS D 96 -29.80 -22.69 -1.23
CA CYS D 96 -28.86 -22.58 -2.35
C CYS D 96 -28.39 -21.13 -2.41
N ALA D 97 -27.10 -20.91 -2.18
CA ALA D 97 -26.58 -19.56 -2.00
C ALA D 97 -25.48 -19.26 -3.01
N ARG D 98 -25.20 -17.97 -3.17
CA ARG D 98 -24.13 -17.51 -4.03
C ARG D 98 -23.23 -16.55 -3.24
N CYS D 99 -22.02 -16.38 -3.73
CA CYS D 99 -21.09 -15.48 -3.09
C CYS D 99 -21.41 -14.03 -3.44
N PRO D 100 -21.08 -13.07 -2.56
CA PRO D 100 -21.55 -11.69 -2.77
C PRO D 100 -21.04 -11.04 -4.03
N ALA D 101 -19.81 -11.33 -4.48
CA ALA D 101 -19.23 -10.57 -5.57
C ALA D 101 -18.76 -11.49 -6.68
N PRO D 102 -18.77 -11.00 -7.93
CA PRO D 102 -18.29 -11.81 -9.05
C PRO D 102 -16.79 -11.68 -9.26
N PHE D 103 -16.24 -12.64 -10.00
CA PHE D 103 -14.83 -12.67 -10.38
C PHE D 103 -13.91 -12.60 -9.16
N THR D 104 -14.31 -13.26 -8.08
CA THR D 104 -13.50 -13.30 -6.88
C THR D 104 -13.73 -14.62 -6.16
N ARG D 105 -12.71 -15.09 -5.45
CA ARG D 105 -12.77 -16.34 -4.73
C ARG D 105 -13.24 -16.19 -3.29
N ASP D 106 -13.38 -14.95 -2.80
CA ASP D 106 -13.83 -14.72 -1.43
C ASP D 106 -15.32 -14.99 -1.32
N CYS D 107 -15.73 -15.72 -0.28
CA CYS D 107 -17.13 -16.05 -0.06
C CYS D 107 -17.42 -16.03 1.43
N PHE D 108 -18.56 -15.46 1.79
CA PHE D 108 -19.00 -15.34 3.19
C PHE D 108 -20.48 -15.70 3.31
N ASP D 109 -20.90 -16.76 2.64
CA ASP D 109 -22.31 -17.11 2.50
C ASP D 109 -22.79 -18.15 3.52
N VAL D 110 -22.61 -17.89 4.81
CA VAL D 110 -23.11 -18.79 5.84
C VAL D 110 -23.87 -18.06 6.95
N THR D 111 -23.87 -16.73 6.96
CA THR D 111 -24.41 -15.99 8.10
C THR D 111 -25.91 -16.24 8.26
N SER D 112 -26.36 -16.15 9.51
CA SER D 112 -27.76 -16.39 9.86
C SER D 112 -28.49 -15.10 10.21
N THR D 113 -28.00 -13.96 9.72
CA THR D 113 -28.58 -12.65 9.97
C THR D 113 -29.46 -12.20 8.82
N THR D 114 -30.20 -13.15 8.22
CA THR D 114 -31.04 -12.91 7.05
C THR D 114 -30.20 -12.45 5.86
N TYR D 115 -29.23 -13.29 5.51
CA TYR D 115 -28.47 -13.10 4.28
C TYR D 115 -29.42 -13.09 3.10
N ALA D 116 -29.28 -12.09 2.23
CA ALA D 116 -30.28 -11.81 1.21
C ALA D 116 -30.03 -12.56 -0.10
N TYR D 117 -29.02 -13.41 -0.17
CA TYR D 117 -28.67 -14.10 -1.40
C TYR D 117 -28.91 -15.61 -1.32
N ARG D 118 -29.88 -16.03 -0.52
CA ARG D 118 -30.27 -17.44 -0.47
C ARG D 118 -31.78 -17.53 -0.28
N GLY D 119 -32.38 -18.51 -0.94
CA GLY D 119 -33.82 -18.62 -1.00
C GLY D 119 -34.41 -19.30 0.22
N GLN D 120 -35.67 -19.71 0.07
CA GLN D 120 -36.38 -20.35 1.17
C GLN D 120 -35.91 -21.78 1.39
N GLY D 121 -35.39 -22.43 0.36
CA GLY D 121 -34.90 -23.78 0.50
C GLY D 121 -36.02 -24.80 0.59
N THR D 122 -35.64 -26.07 0.68
CA THR D 122 -36.60 -27.16 0.75
C THR D 122 -36.19 -28.14 1.84
N GLN D 123 -37.18 -28.84 2.39
CA GLN D 123 -36.93 -29.78 3.46
C GLN D 123 -36.62 -31.16 2.88
N VAL D 124 -35.55 -31.79 3.38
CA VAL D 124 -35.20 -33.15 3.00
C VAL D 124 -35.24 -34.00 4.25
N THR D 125 -36.12 -35.00 4.25
CA THR D 125 -36.30 -35.90 5.38
C THR D 125 -35.94 -37.31 4.94
N VAL D 126 -35.19 -38.01 5.78
CA VAL D 126 -34.70 -39.34 5.44
C VAL D 126 -35.07 -40.34 6.52
N GLY E 164 61.14 1.36 -18.44
CA GLY E 164 59.71 1.29 -18.21
C GLY E 164 58.94 0.91 -19.45
N CYS E 165 57.76 0.33 -19.25
CA CYS E 165 56.91 -0.09 -20.37
C CYS E 165 56.36 1.15 -21.06
N TYR E 166 57.01 1.56 -22.14
CA TYR E 166 56.63 2.75 -22.92
C TYR E 166 56.57 3.94 -21.97
N GLU E 167 55.72 4.92 -22.27
CA GLU E 167 55.60 6.12 -21.44
C GLU E 167 54.24 6.22 -20.77
N GLN E 168 53.16 6.25 -21.55
CA GLN E 168 51.81 6.45 -21.01
C GLN E 168 50.82 6.18 -22.13
N LEU E 169 49.54 6.16 -21.75
CA LEU E 169 48.42 6.10 -22.70
C LEU E 169 47.39 7.12 -22.23
N PHE E 170 47.52 8.35 -22.71
CA PHE E 170 46.67 9.46 -22.28
C PHE E 170 45.62 9.72 -23.34
N VAL E 171 44.35 9.78 -22.90
CA VAL E 171 43.24 10.04 -23.79
C VAL E 171 42.93 11.53 -23.77
N SER E 172 42.28 11.99 -24.83
CA SER E 172 41.95 13.40 -24.96
C SER E 172 40.95 13.84 -23.89
N PRO E 173 41.02 15.08 -23.44
CA PRO E 173 40.08 15.56 -22.41
C PRO E 173 38.63 15.57 -22.88
N GLU E 174 38.38 15.16 -24.12
CA GLU E 174 37.02 15.13 -24.64
C GLU E 174 36.14 14.11 -23.94
N VAL E 175 36.73 13.19 -23.19
CA VAL E 175 35.97 12.13 -22.53
C VAL E 175 35.74 12.49 -21.06
N PHE E 176 36.67 13.25 -20.48
CA PHE E 176 36.64 13.55 -19.05
C PHE E 176 35.77 14.76 -18.69
N VAL E 177 34.80 15.13 -19.54
CA VAL E 177 33.94 16.27 -19.29
C VAL E 177 32.46 15.87 -19.26
N THR E 178 32.00 15.18 -20.31
CA THR E 178 30.58 14.86 -20.42
C THR E 178 30.12 13.92 -19.31
N LEU E 179 30.93 12.92 -18.98
CA LEU E 179 30.55 11.97 -17.94
C LEU E 179 30.34 12.67 -16.61
N GLY E 180 31.23 13.60 -16.27
CA GLY E 180 31.10 14.31 -15.01
C GLY E 180 29.85 15.17 -14.93
N VAL E 181 29.55 15.90 -16.00
CA VAL E 181 28.36 16.74 -16.00
C VAL E 181 27.10 15.89 -15.94
N ILE E 182 27.09 14.76 -16.65
CA ILE E 182 25.94 13.85 -16.60
C ILE E 182 25.73 13.35 -15.18
N SER E 183 26.82 12.92 -14.52
CA SER E 183 26.70 12.44 -13.15
C SER E 183 26.23 13.55 -12.21
N LEU E 184 26.74 14.76 -12.40
CA LEU E 184 26.34 15.89 -11.54
C LEU E 184 24.86 16.19 -11.69
N LEU E 185 24.37 16.23 -12.93
CA LEU E 185 22.94 16.53 -13.13
C LEU E 185 22.07 15.40 -12.60
N GLU E 186 22.52 14.14 -12.76
CA GLU E 186 21.77 13.03 -12.18
C GLU E 186 21.68 13.15 -10.67
N ASN E 187 22.80 13.48 -10.03
CA ASN E 187 22.80 13.59 -8.57
C ASN E 187 21.92 14.75 -8.10
N ILE E 188 21.98 15.88 -8.79
CA ILE E 188 21.10 17.00 -8.44
C ILE E 188 19.64 16.59 -8.59
N LEU E 189 19.32 15.91 -9.70
CA LEU E 189 17.95 15.49 -9.93
C LEU E 189 17.44 14.55 -8.84
N VAL E 190 18.26 13.57 -8.44
CA VAL E 190 17.82 12.62 -7.44
C VAL E 190 17.74 13.28 -6.07
N ILE E 191 18.64 14.23 -5.77
CA ILE E 191 18.55 14.95 -4.50
C ILE E 191 17.25 15.74 -4.45
N VAL E 192 16.91 16.43 -5.54
CA VAL E 192 15.65 17.17 -5.58
C VAL E 192 14.47 16.23 -5.44
N ALA E 193 14.51 15.09 -6.11
CA ALA E 193 13.42 14.12 -6.04
C ALA E 193 13.22 13.63 -4.62
N ILE E 194 14.31 13.35 -3.90
CA ILE E 194 14.19 12.90 -2.52
C ILE E 194 13.67 14.01 -1.63
N ALA E 195 14.16 15.24 -1.84
CA ALA E 195 13.79 16.35 -0.97
C ALA E 195 12.40 16.90 -1.25
N LYS E 196 11.79 16.53 -2.39
CA LYS E 196 10.45 17.05 -2.69
C LYS E 196 9.41 16.59 -1.68
N ASN E 197 9.46 15.31 -1.30
CA ASN E 197 8.50 14.78 -0.33
C ASN E 197 8.87 15.21 1.08
N LEU E 200 9.28 11.09 2.00
CA LEU E 200 10.57 10.43 1.96
C LEU E 200 11.43 10.86 3.14
N HIS E 201 10.79 11.16 4.26
CA HIS E 201 11.51 11.59 5.46
C HIS E 201 11.95 10.38 6.27
N SER E 202 12.59 9.42 5.62
CA SER E 202 13.09 8.23 6.28
C SER E 202 14.62 8.26 6.29
N PRO E 203 15.24 7.65 7.31
CA PRO E 203 16.72 7.67 7.36
C PRO E 203 17.37 7.08 6.12
N MET E 204 16.85 5.95 5.63
CA MET E 204 17.51 5.22 4.54
C MET E 204 17.69 6.14 3.33
N TYR E 205 16.60 6.70 2.84
CA TYR E 205 16.69 7.61 1.70
C TYR E 205 17.60 8.78 2.02
N PHE E 206 17.53 9.31 3.25
CA PHE E 206 18.41 10.40 3.63
C PHE E 206 19.86 10.03 3.42
N PHE E 207 20.23 8.80 3.77
CA PHE E 207 21.61 8.36 3.59
C PHE E 207 22.00 8.41 2.11
N ILE E 208 21.10 7.96 1.23
CA ILE E 208 21.38 8.03 -0.19
C ILE E 208 21.68 9.46 -0.61
N CYS E 209 20.99 10.41 0.02
CA CYS E 209 21.25 11.83 -0.28
C CYS E 209 22.73 12.13 -0.17
N SER E 210 23.35 11.74 0.96
CA SER E 210 24.78 11.96 1.12
C SER E 210 25.54 11.36 -0.05
N LEU E 211 25.28 10.08 -0.34
CA LEU E 211 25.94 9.42 -1.45
C LEU E 211 25.79 10.24 -2.72
N ALA E 212 24.55 10.69 -3.00
CA ALA E 212 24.32 11.47 -4.21
C ALA E 212 25.28 12.64 -4.29
N VAL E 213 25.36 13.43 -3.22
CA VAL E 213 26.26 14.58 -3.21
C VAL E 213 27.67 14.13 -3.54
N ALA E 214 28.13 13.09 -2.85
CA ALA E 214 29.49 12.61 -3.06
C ALA E 214 29.74 12.34 -4.53
N ASP E 215 28.80 11.65 -5.17
CA ASP E 215 28.98 11.31 -6.58
C ASP E 215 29.22 12.56 -7.41
N MET E 216 28.35 13.57 -7.27
CA MET E 216 28.52 14.76 -8.09
C MET E 216 29.81 15.48 -7.74
N LEU E 217 30.21 15.42 -6.46
CA LEU E 217 31.46 16.05 -6.08
C LEU E 217 32.62 15.47 -6.88
N VAL E 218 32.61 14.16 -7.09
CA VAL E 218 33.67 13.52 -7.87
C VAL E 218 33.80 14.20 -9.22
N SER E 219 32.66 14.50 -9.86
CA SER E 219 32.69 15.21 -11.14
C SER E 219 33.46 16.51 -11.01
N VAL E 220 33.05 17.36 -10.06
CA VAL E 220 33.79 18.59 -9.82
C VAL E 220 35.21 18.26 -9.40
N SER E 221 35.37 17.21 -8.58
CA SER E 221 36.69 16.81 -8.13
C SER E 221 37.60 16.48 -9.30
N ASN E 222 37.04 16.08 -10.43
CA ASN E 222 37.83 15.91 -11.63
C ASN E 222 37.59 17.02 -12.65
N GLY E 223 36.46 17.71 -12.56
CA GLY E 223 36.16 18.79 -13.48
C GLY E 223 37.28 19.81 -13.51
N SER E 224 37.49 20.49 -12.39
CA SER E 224 38.62 21.40 -12.29
C SER E 224 39.93 20.69 -12.60
N GLU E 225 40.03 19.39 -12.27
CA GLU E 225 41.25 18.65 -12.56
C GLU E 225 41.45 18.48 -14.05
N THR E 226 40.36 18.29 -14.81
CA THR E 226 40.48 18.14 -16.25
C THR E 226 40.31 19.46 -16.99
N ILE E 227 40.16 20.57 -16.28
CA ILE E 227 40.05 21.89 -16.88
C ILE E 227 41.37 22.64 -16.82
N VAL E 228 42.02 22.64 -15.67
CA VAL E 228 43.29 23.37 -15.54
C VAL E 228 44.40 22.73 -16.35
N ILE E 229 44.27 21.46 -16.73
CA ILE E 229 45.29 20.81 -17.55
C ILE E 229 45.12 21.09 -19.03
N THR E 230 44.08 21.81 -19.42
CA THR E 230 43.84 22.16 -20.81
C THR E 230 44.39 23.52 -21.20
N LEU E 231 45.07 24.20 -20.27
CA LEU E 231 45.63 25.53 -20.54
C LEU E 231 46.65 25.48 -21.68
N ASN E 245 50.36 27.43 -4.29
CA ASN E 245 49.31 26.50 -3.90
C ASN E 245 48.06 26.72 -4.75
N ILE E 246 48.25 26.85 -6.06
CA ILE E 246 47.13 27.03 -6.98
C ILE E 246 46.47 25.72 -7.36
N ASP E 247 46.90 24.60 -6.78
CA ASP E 247 46.32 23.30 -7.09
C ASP E 247 46.20 22.37 -5.88
N ASN E 248 46.52 22.82 -4.68
CA ASN E 248 46.33 21.97 -3.51
C ASN E 248 44.87 21.92 -3.09
N VAL E 249 44.14 23.01 -3.30
CA VAL E 249 42.73 23.05 -2.89
C VAL E 249 41.92 22.02 -3.66
N ILE E 250 42.15 21.89 -4.96
CA ILE E 250 41.41 20.92 -5.75
C ILE E 250 41.77 19.49 -5.33
N ASP E 251 43.04 19.26 -4.97
CA ASP E 251 43.43 17.95 -4.48
C ASP E 251 42.72 17.61 -3.17
N SER E 252 42.62 18.58 -2.27
CA SER E 252 41.84 18.36 -1.05
C SER E 252 40.39 18.07 -1.38
N VAL E 253 39.84 18.78 -2.37
CA VAL E 253 38.46 18.57 -2.78
C VAL E 253 38.26 17.13 -3.24
N ILE E 254 39.13 16.63 -4.11
CA ILE E 254 38.92 15.30 -4.68
C ILE E 254 39.16 14.22 -3.64
N CYS E 255 40.17 14.38 -2.78
CA CYS E 255 40.38 13.39 -1.74
C CYS E 255 39.19 13.35 -0.77
N SER E 256 38.68 14.52 -0.39
CA SER E 256 37.50 14.55 0.47
C SER E 256 36.30 13.92 -0.22
N SER E 257 36.16 14.15 -1.53
CA SER E 257 35.05 13.53 -2.26
C SER E 257 35.14 12.01 -2.24
N LEU E 258 36.34 11.47 -2.47
CA LEU E 258 36.49 10.02 -2.47
C LEU E 258 36.18 9.43 -1.09
N LEU E 259 36.74 10.05 -0.04
CA LEU E 259 36.48 9.55 1.31
C LEU E 259 35.00 9.63 1.64
N ALA E 260 34.35 10.74 1.28
CA ALA E 260 32.91 10.88 1.55
C ALA E 260 32.10 9.83 0.81
N SER E 261 32.45 9.54 -0.43
CA SER E 261 31.71 8.53 -1.18
C SER E 261 31.84 7.14 -0.55
N ILE E 262 33.06 6.76 -0.20
CA ILE E 262 33.27 5.44 0.41
C ILE E 262 32.55 5.36 1.75
N CYS E 263 32.63 6.43 2.55
CA CYS E 263 31.97 6.42 3.85
C CYS E 263 30.45 6.39 3.70
N SER E 264 29.92 7.03 2.67
CA SER E 264 28.47 6.98 2.43
C SER E 264 28.03 5.59 2.03
N LEU E 265 28.84 4.89 1.21
CA LEU E 265 28.52 3.50 0.89
C LEU E 265 28.52 2.64 2.15
N LEU E 266 29.52 2.81 3.01
CA LEU E 266 29.52 2.06 4.26
C LEU E 266 28.31 2.40 5.10
N SER E 267 27.92 3.68 5.15
CA SER E 267 26.80 4.09 5.97
C SER E 267 25.49 3.49 5.49
N ILE E 268 25.26 3.48 4.17
CA ILE E 268 24.02 2.91 3.66
C ILE E 268 23.99 1.40 3.89
N ALA E 269 25.15 0.74 3.75
CA ALA E 269 25.20 -0.69 4.04
C ALA E 269 24.89 -0.97 5.51
N VAL E 270 25.44 -0.16 6.40
CA VAL E 270 25.20 -0.35 7.83
C VAL E 270 23.75 -0.10 8.18
N ASP E 271 23.13 0.91 7.55
CA ASP E 271 21.71 1.16 7.79
C ASP E 271 20.87 -0.02 7.34
N ARG E 272 21.19 -0.59 6.17
CA ARG E 272 20.46 -1.77 5.72
C ARG E 272 20.63 -2.93 6.69
N TYR E 273 21.85 -3.16 7.18
CA TYR E 273 22.08 -4.25 8.11
C TYR E 273 21.29 -4.06 9.41
N PHE E 274 21.31 -2.83 9.95
CA PHE E 274 20.58 -2.57 11.18
C PHE E 274 19.08 -2.74 10.97
N THR E 275 18.56 -2.30 9.82
CA THR E 275 17.15 -2.48 9.54
C THR E 275 16.78 -3.96 9.45
N ILE E 276 17.63 -4.76 8.82
CA ILE E 276 17.32 -6.18 8.63
C ILE E 276 17.38 -6.92 9.96
N PHE E 277 18.44 -6.71 10.75
CA PHE E 277 18.65 -7.56 11.91
C PHE E 277 17.97 -7.07 13.18
N TYR E 278 18.04 -5.77 13.47
CA TYR E 278 17.31 -5.19 14.60
C TYR E 278 16.03 -4.58 14.05
N ALA E 279 15.06 -5.45 13.75
CA ALA E 279 13.89 -5.05 12.98
C ALA E 279 12.81 -4.36 13.80
N LEU E 280 12.90 -4.40 15.12
CA LEU E 280 11.84 -3.84 15.97
C LEU E 280 12.23 -2.56 16.69
N GLN E 281 13.48 -2.42 17.11
CA GLN E 281 13.92 -1.22 17.80
C GLN E 281 14.49 -0.17 16.86
N TYR E 282 14.47 -0.42 15.56
CA TYR E 282 15.04 0.52 14.60
C TYR E 282 14.30 1.86 14.62
N HIS E 283 12.97 1.82 14.71
CA HIS E 283 12.19 3.04 14.76
C HIS E 283 12.16 3.68 16.14
N ASN E 284 12.73 3.01 17.14
CA ASN E 284 12.79 3.56 18.49
C ASN E 284 14.17 4.06 18.89
N ILE E 285 15.22 3.68 18.18
CA ILE E 285 16.57 4.11 18.51
C ILE E 285 17.21 4.99 17.45
N MET E 286 16.61 5.12 16.27
CA MET E 286 17.19 5.92 15.17
C MET E 286 16.14 6.90 14.68
N THR E 287 16.17 8.12 15.20
CA THR E 287 15.28 9.20 14.80
C THR E 287 16.01 10.14 13.84
N VAL E 288 15.31 11.20 13.44
CA VAL E 288 15.88 12.14 12.47
C VAL E 288 17.05 12.90 13.07
N LYS E 289 16.99 13.21 14.37
CA LYS E 289 18.07 13.95 15.00
C LYS E 289 19.38 13.18 14.95
N ARG E 290 19.34 11.88 15.25
CA ARG E 290 20.56 11.08 15.19
C ARG E 290 21.05 10.93 13.75
N VAL E 291 20.13 10.85 12.80
CA VAL E 291 20.52 10.79 11.39
C VAL E 291 21.30 12.03 11.00
N GLY E 292 20.78 13.20 11.38
CA GLY E 292 21.47 14.45 11.07
C GLY E 292 22.82 14.53 11.76
N ILE E 293 22.88 14.12 13.02
CA ILE E 293 24.15 14.16 13.76
C ILE E 293 25.18 13.27 13.08
N ILE E 294 24.78 12.06 12.70
CA ILE E 294 25.72 11.13 12.08
C ILE E 294 26.19 11.65 10.73
N ILE E 295 25.28 12.18 9.91
CA ILE E 295 25.67 12.70 8.61
C ILE E 295 26.64 13.87 8.77
N SER E 296 26.34 14.79 9.70
CA SER E 296 27.22 15.92 9.91
C SER E 296 28.60 15.48 10.38
N CYS E 297 28.65 14.54 11.33
CA CYS E 297 29.94 14.06 11.83
C CYS E 297 30.73 13.39 10.72
N ILE E 298 30.07 12.55 9.91
CA ILE E 298 30.77 11.83 8.86
C ILE E 298 31.34 12.80 7.83
N TRP E 299 30.55 13.78 7.40
CA TRP E 299 31.04 14.70 6.39
C TRP E 299 32.15 15.59 6.93
N ALA E 300 32.01 16.08 8.16
CA ALA E 300 33.07 16.89 8.75
C ALA E 300 34.35 16.09 8.88
N ALA E 301 34.26 14.84 9.32
CA ALA E 301 35.43 14.00 9.44
C ALA E 301 36.08 13.76 8.09
N CYS E 302 35.27 13.50 7.05
CA CYS E 302 35.83 13.27 5.73
C CYS E 302 36.58 14.50 5.23
N THR E 303 35.97 15.69 5.38
CA THR E 303 36.62 16.90 4.90
C THR E 303 37.93 17.18 5.63
N VAL E 304 37.90 17.08 6.97
CA VAL E 304 39.12 17.37 7.71
C VAL E 304 40.19 16.32 7.44
N SER E 305 39.79 15.06 7.25
CA SER E 305 40.76 14.02 6.95
C SER E 305 41.41 14.25 5.59
N GLY E 306 40.62 14.63 4.58
CA GLY E 306 41.20 14.94 3.29
C GLY E 306 42.15 16.13 3.36
N ILE E 307 41.76 17.17 4.09
CA ILE E 307 42.62 18.34 4.23
C ILE E 307 43.95 17.94 4.88
N LEU E 308 43.88 17.18 5.96
CA LEU E 308 45.11 16.75 6.63
C LEU E 308 45.95 15.87 5.73
N PHE E 309 45.32 14.99 4.95
CA PHE E 309 46.07 14.10 4.07
C PHE E 309 46.82 14.89 3.00
N ILE E 310 46.19 15.91 2.44
CA ILE E 310 46.82 16.63 1.34
C ILE E 310 47.72 17.78 1.80
N ILE E 311 47.60 18.22 3.05
CA ILE E 311 48.32 19.42 3.48
C ILE E 311 49.76 19.11 3.87
N TYR E 312 49.96 18.18 4.80
CA TYR E 312 51.27 17.98 5.40
C TYR E 312 51.73 16.53 5.27
N SER E 313 51.59 15.98 4.06
CA SER E 313 52.08 14.64 3.79
C SER E 313 52.50 14.55 2.33
N ASP E 314 53.64 13.92 2.08
CA ASP E 314 54.15 13.72 0.73
C ASP E 314 53.97 12.30 0.24
N SER E 315 54.49 11.32 0.98
CA SER E 315 54.38 9.91 0.61
C SER E 315 54.82 9.07 1.79
N SER E 316 54.31 7.84 1.83
CA SER E 316 54.66 6.83 2.83
C SER E 316 54.37 7.27 4.25
N ALA E 317 53.63 8.37 4.44
CA ALA E 317 53.29 8.87 5.77
C ALA E 317 51.80 8.68 6.04
N VAL E 318 50.93 9.15 5.14
CA VAL E 318 49.49 8.96 5.32
C VAL E 318 48.88 8.11 4.22
N ILE E 319 49.63 7.79 3.16
CA ILE E 319 49.10 6.95 2.10
C ILE E 319 48.77 5.56 2.64
N ILE E 320 49.60 5.05 3.55
CA ILE E 320 49.34 3.75 4.17
C ILE E 320 48.01 3.77 4.90
N CYS E 321 47.73 4.86 5.62
CA CYS E 321 46.47 4.99 6.32
C CYS E 321 45.30 4.96 5.36
N LEU E 322 45.40 5.67 4.24
CA LEU E 322 44.29 5.72 3.29
C LEU E 322 44.04 4.35 2.67
N ILE E 323 45.10 3.66 2.26
CA ILE E 323 44.92 2.34 1.64
C ILE E 323 44.33 1.35 2.64
N THR E 324 44.85 1.36 3.87
CA THR E 324 44.31 0.45 4.89
C THR E 324 42.85 0.77 5.19
N MET E 325 42.51 2.05 5.24
CA MET E 325 41.13 2.44 5.49
C MET E 325 40.21 1.92 4.39
N PHE E 326 40.61 2.08 3.13
CA PHE E 326 39.78 1.59 2.03
C PHE E 326 39.60 0.09 2.11
N PHE E 327 40.70 -0.65 2.35
CA PHE E 327 40.60 -2.11 2.38
C PHE E 327 39.74 -2.59 3.54
N THR E 328 39.91 -2.00 4.72
CA THR E 328 39.09 -2.38 5.86
C THR E 328 37.61 -2.08 5.60
N MET E 329 37.33 -0.92 4.99
CA MET E 329 35.94 -0.58 4.71
C MET E 329 35.32 -1.54 3.70
N LEU E 330 36.09 -1.93 2.68
CA LEU E 330 35.60 -2.93 1.72
C LEU E 330 35.29 -4.25 2.42
N ALA E 331 36.20 -4.69 3.30
CA ALA E 331 35.97 -5.94 4.02
C ALA E 331 34.72 -5.86 4.87
N LEU E 332 34.53 -4.73 5.57
CA LEU E 332 33.36 -4.59 6.44
C LEU E 332 32.07 -4.61 5.64
N MET E 333 32.03 -3.86 4.52
CA MET E 333 30.85 -3.85 3.68
C MET E 333 30.52 -5.24 3.14
N ALA E 334 31.55 -5.95 2.64
CA ALA E 334 31.33 -7.29 2.11
C ALA E 334 30.83 -8.23 3.20
N SER E 335 31.40 -8.14 4.40
CA SER E 335 30.97 -9.02 5.49
C SER E 335 29.51 -8.77 5.85
N LEU E 336 29.12 -7.49 5.95
CA LEU E 336 27.73 -7.19 6.28
C LEU E 336 26.78 -7.73 5.22
N TYR E 337 27.12 -7.53 3.95
CA TYR E 337 26.23 -8.00 2.89
C TYR E 337 26.14 -9.52 2.87
N VAL E 338 27.26 -10.21 3.09
CA VAL E 338 27.22 -11.67 3.10
C VAL E 338 26.42 -12.19 4.29
N HIS E 339 26.52 -11.52 5.43
CA HIS E 339 25.69 -11.92 6.58
C HIS E 339 24.21 -11.74 6.28
N MET E 340 23.86 -10.62 5.63
CA MET E 340 22.46 -10.42 5.24
C MET E 340 21.99 -11.51 4.28
N PHE E 341 22.84 -11.88 3.33
CA PHE E 341 22.48 -12.95 2.39
C PHE E 341 22.31 -14.28 3.10
N LEU E 342 23.16 -14.57 4.08
CA LEU E 342 23.01 -15.81 4.84
C LEU E 342 21.71 -15.83 5.62
N MET E 343 21.34 -14.69 6.23
CA MET E 343 20.07 -14.62 6.93
C MET E 343 18.91 -14.81 5.97
N ALA E 344 19.02 -14.25 4.76
CA ALA E 344 17.98 -14.43 3.75
C ALA E 344 17.83 -15.90 3.36
N ARG E 345 18.96 -16.58 3.17
CA ARG E 345 18.92 -18.01 2.84
C ARG E 345 18.31 -18.81 3.99
N LEU E 346 18.63 -18.46 5.22
CA LEU E 346 18.05 -19.14 6.38
C LEU E 346 16.54 -18.94 6.42
N HIS E 347 16.08 -17.72 6.14
CA HIS E 347 14.63 -17.49 6.08
C HIS E 347 13.99 -18.31 4.96
N ILE E 348 14.67 -18.42 3.81
CA ILE E 348 14.13 -19.21 2.72
C ILE E 348 14.04 -20.68 3.12
N LYS E 349 15.00 -21.16 3.90
CA LYS E 349 15.01 -22.56 4.31
C LYS E 349 13.85 -22.92 5.23
N ARG E 350 13.22 -21.93 5.87
CA ARG E 350 12.14 -22.18 6.81
C ARG E 350 10.76 -22.00 6.18
N ILE E 351 10.68 -21.82 4.87
CA ILE E 351 9.40 -21.67 4.20
C ILE E 351 9.27 -22.68 3.07
N ASN E 365 17.38 -17.19 -3.30
CA ASN E 365 18.08 -18.39 -3.74
C ASN E 365 19.08 -18.06 -4.84
N MET E 366 18.63 -17.31 -5.84
CA MET E 366 19.50 -16.88 -6.92
C MET E 366 19.46 -15.37 -7.09
N LYS E 367 18.28 -14.77 -6.92
CA LYS E 367 18.17 -13.32 -7.10
C LYS E 367 18.98 -12.58 -6.05
N GLY E 368 18.96 -13.06 -4.80
CA GLY E 368 19.79 -12.46 -3.77
C GLY E 368 21.27 -12.63 -4.05
N ALA E 369 21.66 -13.83 -4.51
CA ALA E 369 23.04 -14.04 -4.90
C ALA E 369 23.44 -13.12 -6.05
N ILE E 370 22.53 -12.92 -7.01
CA ILE E 370 22.82 -12.04 -8.13
C ILE E 370 22.99 -10.60 -7.66
N THR E 371 22.13 -10.14 -6.75
CA THR E 371 22.24 -8.78 -6.25
C THR E 371 23.52 -8.57 -5.47
N LEU E 372 23.86 -9.53 -4.59
CA LEU E 372 25.11 -9.43 -3.84
C LEU E 372 26.31 -9.43 -4.79
N THR E 373 26.28 -10.30 -5.81
CA THR E 373 27.37 -10.38 -6.76
C THR E 373 27.54 -9.07 -7.52
N ILE E 374 26.43 -8.50 -8.02
CA ILE E 374 26.55 -7.26 -8.79
C ILE E 374 27.08 -6.14 -7.91
N LEU E 375 26.57 -6.03 -6.67
CA LEU E 375 27.04 -4.95 -5.79
C LEU E 375 28.54 -5.08 -5.50
N ILE E 376 28.98 -6.25 -5.03
CA ILE E 376 30.38 -6.40 -4.66
C ILE E 376 31.28 -6.30 -5.87
N GLY E 377 30.88 -6.90 -7.00
CA GLY E 377 31.70 -6.84 -8.20
C GLY E 377 31.83 -5.44 -8.75
N VAL E 378 30.74 -4.67 -8.76
CA VAL E 378 30.84 -3.32 -9.28
C VAL E 378 31.72 -2.46 -8.38
N PHE E 379 31.60 -2.64 -7.05
CA PHE E 379 32.45 -1.87 -6.15
C PHE E 379 33.92 -2.21 -6.38
N VAL E 380 34.24 -3.50 -6.45
CA VAL E 380 35.64 -3.91 -6.64
C VAL E 380 36.17 -3.40 -7.96
N VAL E 381 35.45 -3.65 -9.06
CA VAL E 381 35.93 -3.26 -10.37
C VAL E 381 36.10 -1.75 -10.46
N CYS E 382 35.22 -0.99 -9.82
CA CYS E 382 35.31 0.47 -9.94
C CYS E 382 36.43 1.05 -9.07
N TRP E 383 36.73 0.45 -7.91
CA TRP E 383 37.64 1.14 -6.99
C TRP E 383 38.98 0.45 -6.77
N ALA E 384 39.06 -0.87 -6.87
CA ALA E 384 40.32 -1.57 -6.58
C ALA E 384 41.49 -1.14 -7.45
N PRO E 385 41.36 -0.95 -8.78
CA PRO E 385 42.55 -0.62 -9.58
C PRO E 385 43.26 0.64 -9.14
N PHE E 386 42.54 1.69 -8.75
CA PHE E 386 43.18 2.93 -8.35
C PHE E 386 44.04 2.73 -7.11
N PHE E 387 43.53 2.03 -6.10
CA PHE E 387 44.31 1.81 -4.89
C PHE E 387 45.42 0.80 -5.12
N LEU E 388 45.23 -0.14 -6.03
CA LEU E 388 46.34 -1.04 -6.38
C LEU E 388 47.47 -0.26 -7.03
N HIS E 389 47.13 0.69 -7.92
CA HIS E 389 48.13 1.56 -8.50
C HIS E 389 48.79 2.42 -7.42
N LEU E 390 48.02 2.85 -6.42
CA LEU E 390 48.60 3.59 -5.31
C LEU E 390 49.60 2.75 -4.54
N ILE E 391 49.27 1.48 -4.28
CA ILE E 391 50.19 0.60 -3.54
C ILE E 391 51.46 0.39 -4.35
N PHE E 392 51.31 0.11 -5.65
CA PHE E 392 52.50 -0.04 -6.49
C PHE E 392 53.31 1.25 -6.56
N TYR E 393 52.66 2.39 -6.40
CA TYR E 393 53.36 3.67 -6.44
C TYR E 393 54.35 3.81 -5.29
N ILE E 394 54.13 3.07 -4.20
CA ILE E 394 55.00 3.13 -3.03
C ILE E 394 55.89 1.90 -2.92
N SER E 395 55.35 0.71 -3.19
CA SER E 395 56.11 -0.51 -2.94
C SER E 395 57.12 -0.79 -4.05
N CYS E 396 56.68 -0.78 -5.31
CA CYS E 396 57.51 -1.18 -6.44
C CYS E 396 57.54 -0.05 -7.46
N PRO E 397 58.35 0.99 -7.20
CA PRO E 397 58.45 2.09 -8.16
C PRO E 397 58.94 1.67 -9.53
N GLN E 398 60.15 1.13 -9.63
CA GLN E 398 60.72 0.81 -10.94
C GLN E 398 60.25 -0.58 -11.41
N ASN E 399 60.73 -1.65 -10.74
CA ASN E 399 60.21 -3.02 -10.78
C ASN E 399 59.56 -3.37 -12.10
N PRO E 400 60.32 -3.50 -13.20
CA PRO E 400 59.72 -3.45 -14.55
C PRO E 400 58.43 -4.24 -14.73
N TYR E 401 58.13 -5.20 -13.86
CA TYR E 401 56.81 -5.81 -13.87
C TYR E 401 55.73 -4.80 -13.48
N CYS E 402 55.99 -4.01 -12.42
CA CYS E 402 55.01 -3.01 -12.01
C CYS E 402 54.92 -1.86 -13.00
N VAL E 403 55.98 -1.62 -13.77
CA VAL E 403 56.01 -0.47 -14.66
C VAL E 403 54.94 -0.59 -15.74
N CYS E 404 54.72 -1.81 -16.24
CA CYS E 404 53.67 -2.04 -17.23
C CYS E 404 52.29 -1.73 -16.65
N PHE E 405 52.13 -1.86 -15.33
CA PHE E 405 50.82 -1.61 -14.72
C PHE E 405 50.47 -0.13 -14.72
N MET E 406 51.45 0.74 -14.54
CA MET E 406 51.19 2.17 -14.40
C MET E 406 51.09 2.89 -15.74
N SER E 407 51.20 2.17 -16.86
CA SER E 407 51.24 2.80 -18.17
C SER E 407 49.88 3.35 -18.61
N HIS E 408 48.81 3.06 -17.89
CA HIS E 408 47.47 3.43 -18.34
C HIS E 408 46.64 4.00 -17.19
N PHE E 409 47.23 4.90 -16.41
CA PHE E 409 46.56 5.38 -15.21
C PHE E 409 45.23 6.03 -15.53
N ASN E 410 45.20 6.87 -16.58
CA ASN E 410 43.94 7.51 -16.97
C ASN E 410 42.85 6.48 -17.21
N LEU E 411 43.21 5.34 -17.81
CA LEU E 411 42.24 4.27 -18.00
C LEU E 411 41.64 3.84 -16.67
N TYR E 412 42.50 3.56 -15.69
CA TYR E 412 42.01 3.17 -14.36
C TYR E 412 41.12 4.25 -13.75
N LEU E 413 41.28 5.50 -14.18
CA LEU E 413 40.46 6.57 -13.63
C LEU E 413 39.06 6.55 -14.22
N ILE E 414 38.91 6.15 -15.50
CA ILE E 414 37.61 6.25 -16.14
C ILE E 414 36.61 5.32 -15.45
N LEU E 415 37.08 4.18 -14.94
CA LEU E 415 36.21 3.28 -14.22
C LEU E 415 35.60 3.98 -13.00
N ILE E 416 36.38 4.83 -12.34
CA ILE E 416 35.84 5.61 -11.23
C ILE E 416 34.65 6.44 -11.70
N MET E 417 34.79 7.06 -12.87
CA MET E 417 33.66 7.81 -13.44
C MET E 417 32.44 6.91 -13.58
N CYS E 418 32.65 5.67 -14.02
CA CYS E 418 31.53 4.73 -14.16
C CYS E 418 30.80 4.58 -12.83
N ASN E 419 31.55 4.51 -11.73
CA ASN E 419 30.91 4.39 -10.43
C ASN E 419 29.97 5.56 -10.18
N SER E 420 30.40 6.77 -10.54
CA SER E 420 29.58 7.95 -10.31
C SER E 420 28.29 7.93 -11.11
N ILE E 421 28.21 7.10 -12.15
CA ILE E 421 26.97 6.94 -12.92
C ILE E 421 26.31 5.60 -12.68
N ILE E 422 26.87 4.76 -11.81
CA ILE E 422 26.27 3.47 -11.48
C ILE E 422 25.53 3.53 -10.16
N ASP E 423 26.12 4.18 -9.15
CA ASP E 423 25.47 4.28 -7.85
C ASP E 423 24.09 4.94 -7.92
N PRO E 424 23.88 6.06 -8.62
CA PRO E 424 22.52 6.60 -8.72
C PRO E 424 21.55 5.69 -9.44
N LEU E 425 22.04 4.74 -10.24
CA LEU E 425 21.17 3.83 -10.97
C LEU E 425 20.89 2.55 -10.21
N ILE E 426 21.82 2.11 -9.35
CA ILE E 426 21.64 0.85 -8.64
C ILE E 426 20.81 1.05 -7.38
N TYR E 427 21.09 2.10 -6.61
CA TYR E 427 20.39 2.31 -5.35
C TYR E 427 19.14 3.17 -5.53
N ALA E 428 19.32 4.39 -6.06
CA ALA E 428 18.19 5.30 -6.20
C ALA E 428 17.16 4.76 -7.20
N LEU E 429 17.61 4.21 -8.31
CA LEU E 429 16.70 3.72 -9.34
C LEU E 429 16.35 2.24 -9.14
N ARG E 430 15.93 1.89 -7.92
CA ARG E 430 15.41 0.57 -7.65
C ARG E 430 14.24 0.57 -6.68
N SER E 431 13.79 1.73 -6.21
CA SER E 431 12.63 1.84 -5.33
C SER E 431 11.54 2.60 -6.07
N GLN E 432 10.37 1.97 -6.21
CA GLN E 432 9.31 2.56 -7.02
C GLN E 432 8.82 3.88 -6.46
N GLU E 433 8.93 4.08 -5.14
CA GLU E 433 8.51 5.34 -4.55
C GLU E 433 9.38 6.50 -5.04
N LEU E 434 10.69 6.28 -5.15
CA LEU E 434 11.61 7.32 -5.57
C LEU E 434 11.64 7.50 -7.08
N ARG E 435 11.16 6.51 -7.85
CA ARG E 435 11.32 6.55 -9.29
C ARG E 435 10.64 7.77 -9.92
N LYS E 436 9.41 8.08 -9.49
CA LYS E 436 8.62 9.13 -10.13
C LYS E 436 8.18 10.24 -9.20
N THR E 437 8.55 10.22 -7.93
CA THR E 437 8.16 11.27 -7.00
C THR E 437 8.78 12.61 -7.38
N VAL F 2 53.51 14.95 -20.56
CA VAL F 2 54.60 15.77 -20.07
C VAL F 2 55.93 15.12 -20.42
N GLN F 3 56.22 15.03 -21.71
CA GLN F 3 57.47 14.43 -22.16
C GLN F 3 58.64 15.33 -21.79
N LEU F 4 59.74 14.71 -21.35
CA LEU F 4 60.93 15.43 -20.91
C LEU F 4 61.93 15.43 -22.05
N VAL F 5 62.25 16.62 -22.57
CA VAL F 5 63.31 16.73 -23.57
C VAL F 5 64.65 16.63 -22.88
N GLU F 6 65.67 16.23 -23.64
CA GLU F 6 67.01 16.06 -23.10
C GLU F 6 68.04 16.41 -24.15
N SER F 7 69.24 16.71 -23.68
CA SER F 7 70.35 17.07 -24.56
C SER F 7 71.62 16.32 -24.19
N ARG F 19 77.17 16.70 -16.37
CA ARG F 19 77.17 17.59 -17.53
C ARG F 19 75.88 17.42 -18.32
N LEU F 20 74.80 17.10 -17.63
CA LEU F 20 73.52 16.83 -18.28
C LEU F 20 72.45 17.77 -17.75
N SER F 21 71.46 18.06 -18.60
CA SER F 21 70.38 18.97 -18.25
C SER F 21 69.06 18.41 -18.76
N CYS F 22 67.98 18.81 -18.09
CA CYS F 22 66.63 18.39 -18.48
C CYS F 22 65.64 19.42 -17.98
N ALA F 23 64.88 20.01 -18.90
CA ALA F 23 63.87 21.02 -18.57
C ALA F 23 62.48 20.42 -18.77
N ALA F 24 61.65 20.52 -17.74
CA ALA F 24 60.34 19.88 -17.76
C ALA F 24 59.38 20.75 -18.58
N SER F 25 59.00 20.26 -19.76
CA SER F 25 58.10 20.97 -20.66
C SER F 25 56.78 20.20 -20.71
N GLY F 26 55.75 20.76 -20.08
CA GLY F 26 54.45 20.14 -20.07
C GLY F 26 53.53 20.92 -19.15
N SER F 27 52.24 20.61 -19.26
CA SER F 27 51.24 21.28 -18.44
C SER F 27 51.30 20.78 -17.01
N ALA F 28 52.40 21.08 -16.32
CA ALA F 28 52.63 20.65 -14.95
C ALA F 28 52.74 21.87 -14.05
N PHE F 29 52.18 21.76 -12.85
CA PHE F 29 52.21 22.88 -11.91
C PHE F 29 53.53 22.96 -11.17
N SER F 30 53.86 21.92 -10.39
CA SER F 30 55.10 21.91 -9.64
C SER F 30 55.50 20.44 -9.45
N LEU F 31 56.42 19.97 -10.27
CA LEU F 31 56.92 18.61 -10.12
C LEU F 31 57.69 18.47 -8.81
N ASN F 32 57.44 17.37 -8.12
CA ASN F 32 57.98 17.20 -6.77
C ASN F 32 59.44 16.74 -6.82
N VAL F 33 59.70 15.57 -7.39
CA VAL F 33 61.04 14.98 -7.43
C VAL F 33 61.44 14.78 -8.88
N MET F 34 62.61 15.29 -9.24
CA MET F 34 63.19 15.11 -10.56
C MET F 34 64.64 14.70 -10.40
N GLY F 35 65.03 13.62 -11.06
CA GLY F 35 66.38 13.13 -10.91
C GLY F 35 66.75 12.15 -11.99
N TRP F 36 67.86 11.45 -11.77
CA TRP F 36 68.43 10.53 -12.74
C TRP F 36 68.30 9.09 -12.23
N TYR F 37 68.00 8.18 -13.16
CA TYR F 37 67.85 6.76 -12.86
C TYR F 37 68.56 5.93 -13.90
N ARG F 38 69.82 6.27 -14.17
CA ARG F 38 70.60 5.58 -15.19
C ARG F 38 71.06 4.21 -14.67
N GLN F 39 70.85 3.18 -15.48
CA GLN F 39 71.35 1.84 -15.21
C GLN F 39 71.16 1.00 -16.46
N THR F 40 71.86 -0.13 -16.50
CA THR F 40 71.87 -0.99 -17.68
C THR F 40 70.63 -1.88 -17.82
N PRO F 41 70.28 -2.74 -16.81
CA PRO F 41 69.26 -3.78 -17.03
C PRO F 41 67.84 -3.31 -16.76
N GLY F 42 67.46 -2.15 -17.32
CA GLY F 42 66.11 -1.65 -17.17
C GLY F 42 65.92 -0.83 -15.91
N ASN F 43 65.43 0.40 -16.06
CA ASN F 43 65.22 1.31 -14.94
C ASN F 43 66.56 1.48 -14.21
N GLN F 44 66.53 1.80 -12.92
CA GLN F 44 67.74 1.82 -12.13
C GLN F 44 67.57 1.04 -10.83
N ARG F 45 66.35 1.01 -10.31
CA ARG F 45 66.02 0.40 -9.03
C ARG F 45 66.74 1.09 -7.88
N ALA F 46 67.47 2.16 -8.19
CA ALA F 46 68.21 2.93 -7.18
C ALA F 46 68.55 4.28 -7.79
N LEU F 47 68.02 5.35 -7.19
CA LEU F 47 68.26 6.70 -7.71
C LEU F 47 69.74 7.05 -7.64
N VAL F 48 70.38 7.16 -8.80
CA VAL F 48 71.78 7.59 -8.83
C VAL F 48 71.90 9.06 -8.43
N ALA F 49 70.93 9.89 -8.84
CA ALA F 49 70.93 11.29 -8.47
C ALA F 49 69.50 11.81 -8.54
N GLU F 50 69.06 12.49 -7.48
CA GLU F 50 67.72 13.05 -7.42
C GLU F 50 67.73 14.30 -6.56
N ILE F 51 66.75 15.17 -6.78
CA ILE F 51 66.59 16.42 -6.06
C ILE F 51 65.13 16.60 -5.70
N THR F 52 64.82 17.69 -5.02
CA THR F 52 63.45 17.97 -4.59
C THR F 52 63.31 19.46 -4.31
N LYS F 53 62.07 19.88 -4.10
CA LYS F 53 61.80 21.28 -3.80
C LYS F 53 62.41 21.69 -2.47
N ASP F 54 62.35 20.81 -1.47
CA ASP F 54 62.90 21.13 -0.17
C ASP F 54 64.43 21.20 -0.18
N GLY F 55 65.07 20.59 -1.17
CA GLY F 55 66.52 20.63 -1.31
C GLY F 55 67.24 19.39 -0.87
N SER F 56 66.56 18.45 -0.21
CA SER F 56 67.19 17.21 0.22
C SER F 56 67.68 16.43 -0.99
N THR F 57 68.91 15.93 -0.91
CA THR F 57 69.54 15.21 -2.01
C THR F 57 69.91 13.79 -1.57
N ASN F 58 69.61 12.83 -2.44
CA ASN F 58 69.97 11.44 -2.21
C ASN F 58 70.76 10.91 -3.40
N TYR F 59 71.78 10.13 -3.11
CA TYR F 59 72.66 9.62 -4.16
C TYR F 59 72.82 8.10 -4.04
N THR F 68 76.67 16.49 -7.23
CA THR F 68 76.13 17.84 -7.14
C THR F 68 75.01 18.05 -8.14
N ILE F 69 73.77 18.07 -7.65
CA ILE F 69 72.58 18.26 -8.47
C ILE F 69 72.14 19.71 -8.35
N SER F 70 71.90 20.35 -9.49
CA SER F 70 71.57 21.77 -9.55
C SER F 70 70.09 21.94 -9.83
N ARG F 71 69.43 22.75 -9.00
CA ARG F 71 68.01 23.07 -9.20
C ARG F 71 67.72 24.39 -8.50
N ASP F 72 67.55 25.45 -9.28
CA ASP F 72 67.33 26.78 -8.73
C ASP F 72 65.84 27.07 -8.64
N ASN F 73 65.39 27.45 -7.45
CA ASN F 73 63.96 27.61 -7.16
C ASN F 73 63.28 26.28 -7.55
N ALA F 74 62.04 26.34 -8.02
CA ALA F 74 61.45 25.14 -8.62
C ALA F 74 61.87 25.01 -10.07
N LYS F 75 61.40 25.93 -10.92
CA LYS F 75 61.90 26.14 -12.28
C LYS F 75 61.76 24.93 -13.19
N ASN F 76 61.28 23.81 -12.64
CA ASN F 76 61.16 22.54 -13.37
C ASN F 76 62.38 22.26 -14.24
N THR F 77 63.56 22.40 -13.66
CA THR F 77 64.81 22.17 -14.37
C THR F 77 65.74 21.30 -13.52
N VAL F 78 66.58 20.52 -14.20
CA VAL F 78 67.54 19.64 -13.57
C VAL F 78 68.89 19.80 -14.28
N HIS F 79 69.94 20.03 -13.50
CA HIS F 79 71.30 20.10 -14.02
C HIS F 79 72.21 19.26 -13.13
N LEU F 80 72.95 18.33 -13.74
CA LEU F 80 73.90 17.49 -13.03
C LEU F 80 75.30 17.70 -13.61
N GLN F 81 76.26 18.02 -12.75
CA GLN F 81 77.63 18.21 -13.20
C GLN F 81 78.30 16.89 -13.53
N MET F 82 78.08 15.87 -12.70
CA MET F 82 78.68 14.54 -12.87
C MET F 82 80.20 14.62 -13.00
N ASP F 89 80.21 2.69 -17.85
CA ASP F 89 78.95 3.29 -18.28
C ASP F 89 79.11 4.03 -19.60
N THR F 90 77.99 4.45 -20.18
CA THR F 90 78.00 5.19 -21.44
C THR F 90 77.21 6.49 -21.29
N ALA F 91 77.03 7.20 -22.40
CA ALA F 91 76.28 8.46 -22.38
C ALA F 91 74.79 8.22 -22.67
N VAL F 92 74.18 7.31 -21.92
CA VAL F 92 72.76 7.02 -22.02
C VAL F 92 72.21 6.92 -20.61
N TYR F 93 71.16 7.69 -20.32
CA TYR F 93 70.61 7.75 -18.97
C TYR F 93 69.09 7.84 -19.06
N TYR F 94 68.45 8.00 -17.90
CA TYR F 94 67.01 8.16 -17.80
C TYR F 94 66.68 9.36 -16.94
N CYS F 95 65.60 10.04 -17.28
CA CYS F 95 65.11 11.19 -16.53
C CYS F 95 63.88 10.77 -15.74
N LYS F 96 63.78 11.25 -14.49
CA LYS F 96 62.70 10.87 -13.59
C LYS F 96 61.88 12.08 -13.20
N ALA F 97 60.60 11.85 -12.95
CA ALA F 97 59.69 12.90 -12.49
C ALA F 97 58.50 12.23 -11.83
N ARG F 98 58.14 12.68 -10.64
CA ARG F 98 57.02 12.10 -9.91
C ARG F 98 56.33 13.21 -9.13
N THR F 99 55.01 13.12 -9.04
CA THR F 99 54.19 14.10 -8.34
C THR F 99 53.79 13.54 -6.99
N GLY F 100 54.09 14.28 -5.92
CA GLY F 100 53.76 13.85 -4.58
C GLY F 100 52.33 14.01 -4.18
N ARG F 101 51.50 14.58 -5.05
CA ARG F 101 50.08 14.76 -4.76
C ARG F 101 49.41 13.40 -4.63
N ILE F 102 49.04 13.03 -3.40
CA ILE F 102 48.57 11.68 -3.12
C ILE F 102 47.28 11.35 -3.83
N VAL F 103 46.46 12.35 -4.17
CA VAL F 103 45.17 12.04 -4.76
C VAL F 103 45.28 11.66 -6.23
N ARG F 104 46.41 11.95 -6.88
CA ARG F 104 46.66 11.51 -8.24
C ARG F 104 48.12 11.04 -8.33
N PRO F 105 48.40 9.82 -7.86
CA PRO F 105 49.75 9.28 -7.98
C PRO F 105 50.06 8.96 -9.44
N LEU F 106 51.12 9.57 -9.96
CA LEU F 106 51.49 9.38 -11.36
C LEU F 106 52.93 9.83 -11.55
N ASP F 107 53.74 9.00 -12.19
CA ASP F 107 55.13 9.32 -12.48
C ASP F 107 55.38 9.19 -13.98
N TYR F 108 56.20 10.08 -14.52
CA TYR F 108 56.51 10.12 -15.94
C TYR F 108 57.88 9.50 -16.19
N TRP F 109 58.32 9.56 -17.44
CA TRP F 109 59.64 9.08 -17.81
C TRP F 109 60.15 9.91 -18.98
N GLY F 110 61.33 9.54 -19.48
CA GLY F 110 61.94 10.26 -20.57
C GLY F 110 62.29 9.39 -21.76
N GLN F 111 63.48 9.60 -22.31
CA GLN F 111 63.93 8.84 -23.47
C GLN F 111 64.09 7.36 -23.16
#